data_8GNN
#
_entry.id   8GNN
#
_cell.length_a   53.188
_cell.length_b   136.303
_cell.length_c   154.046
_cell.angle_alpha   90.00
_cell.angle_beta   90.00
_cell.angle_gamma   90.00
#
_symmetry.space_group_name_H-M   'P 21 21 21'
#
loop_
_entity.id
_entity.type
_entity.pdbx_description
1 polymer 'Cell cycle checkpoint control protein RAD9A'
2 polymer 'Checkpoint protein HUS1'
3 polymer 'Cell cycle checkpoint protein RAD1'
4 polymer 'Cell cycle checkpoint protein RAD17'
5 water water
#
loop_
_entity_poly.entity_id
_entity_poly.type
_entity_poly.pdbx_seq_one_letter_code
_entity_poly.pdbx_strand_id
1 'polypeptide(L)'
;MKCLVTGGNVKVLGKAVHSLSRIGDELYLEPLEDGLSLRTVNSSRSAYACFLFAPLFFQQYQAATPGQDLLRCKILMKSF
LSVFRSLAMLEKTVEKCCISLNGRSSRLVVQLHCKFGVRKTHNLSFQDCESLQAVFDPASCPHMLRAPARVLGEAVLPFS
PALAEVTLGIGRGRRVILRSYHEEEADSTAKAMVTEMCLGEEDFQQLQAQEGVAITFCLKEFRGLLSFAESANLNLSIHF
DAPGRPAIFTIKDSLLDGHFVLATLSDTDS
;
A
2 'polypeptide(L)'
;MHHHHHHKFRAKIVDGACLNHFTRISNMIAKLAKTCTLRISPDKLNFILCDKLANGGVSMWCELEQENFFNEFQMEGVSA
ENNEIYLELTSENLSRALKTAQNARALKIKLTNKHFPCLTVSVELLSMSSSSRIVTHDIPIKVIPRKLWKDLQEPVVPDP
DVSIYLPVLKTMKSVVEKMKNISNHLVIEANLDGELNLKIETELVCVTTHFKDLGNPPLASESTHEDRNVEHMAEVHIDI
RKLLQFLAGQQVNPTKALCNIVNNKMVHFDLLHEDVSLQYFIPALS
;
B
3 'polypeptide(L)'
;MPLLTQQIQDEDDQYSLVASLDNVRNLSTILKAIHFREHATCFATKNGIKVTVENAKCVQANAFIQAGIFQEFKVQEESV
TFRINLTVLLDCLSIFGSSPMPGTLTALRMCYQGYGYPLMLFLEEGGVVTVCKINTQEPEETLDFDFCSTNVINKIILQS
EGLREAFSELDMTSEVLQITMSPDKPYFRLSTFGNAGSSHLDYPKDSDLMEAFHCNQTQVNRYKISLLKPSTKALVLSCK
VSIRTDNRGFLSLQYMIRNEDGQICFVEYYCCPDEEVPESES
;
C
4 'polypeptide(L)' TDWVDPSFDDF D
#
# COMPACT_ATOMS: atom_id res chain seq x y z
N MET A 1 34.84 18.81 8.05
CA MET A 1 34.46 17.49 8.54
C MET A 1 34.40 16.47 7.39
N LYS A 2 34.86 15.26 7.66
CA LYS A 2 34.72 14.17 6.70
C LYS A 2 34.39 12.87 7.42
N CYS A 3 33.27 12.26 7.04
CA CYS A 3 32.85 10.99 7.60
C CYS A 3 32.63 9.97 6.50
N LEU A 4 33.43 8.92 6.49
CA LEU A 4 33.30 7.87 5.48
C LEU A 4 32.78 6.58 6.09
N VAL A 5 31.63 6.13 5.59
CA VAL A 5 30.99 4.93 6.11
C VAL A 5 30.99 3.82 5.06
N THR A 6 31.29 2.60 5.50
CA THR A 6 31.35 1.45 4.59
C THR A 6 30.60 0.25 5.15
N GLY A 7 30.43 -0.77 4.30
CA GLY A 7 29.85 -2.03 4.72
C GLY A 7 28.45 -1.92 5.32
N GLY A 8 28.19 -2.74 6.32
CA GLY A 8 26.88 -2.79 6.96
C GLY A 8 26.52 -1.51 7.70
N ASN A 9 27.53 -0.72 8.07
CA ASN A 9 27.30 0.50 8.82
C ASN A 9 26.59 1.58 8.02
N VAL A 10 26.60 1.45 6.70
CA VAL A 10 25.88 2.39 5.84
C VAL A 10 24.38 2.29 6.10
N LYS A 11 23.87 1.07 6.11
CA LYS A 11 22.44 0.84 6.37
C LYS A 11 22.09 1.22 7.81
N VAL A 12 23.02 0.99 8.72
CA VAL A 12 22.83 1.33 10.12
C VAL A 12 22.63 2.84 10.27
N LEU A 13 23.47 3.62 9.61
CA LEU A 13 23.36 5.07 9.60
C LEU A 13 22.00 5.49 9.06
N GLY A 14 21.57 4.83 7.98
CA GLY A 14 20.28 5.10 7.37
C GLY A 14 19.12 4.84 8.31
N LYS A 15 19.19 3.72 9.04
CA LYS A 15 18.16 3.38 10.01
C LYS A 15 18.06 4.43 11.11
N ALA A 16 19.20 4.96 11.52
CA ALA A 16 19.25 5.99 12.57
C ALA A 16 18.56 7.26 12.11
N VAL A 17 18.81 7.65 10.86
CA VAL A 17 18.17 8.83 10.29
C VAL A 17 16.65 8.62 10.21
N HIS A 18 16.24 7.43 9.78
CA HIS A 18 14.82 7.07 9.76
C HIS A 18 14.20 7.20 11.15
N SER A 19 14.92 6.67 12.15
CA SER A 19 14.45 6.71 13.53
C SER A 19 14.30 8.14 14.03
N LEU A 20 15.27 8.98 13.73
CA LEU A 20 15.25 10.38 14.14
C LEU A 20 14.13 11.16 13.44
N SER A 21 13.85 10.79 12.20
CA SER A 21 12.85 11.50 11.40
C SER A 21 11.44 11.35 11.98
N ARG A 22 11.25 10.35 12.82
CA ARG A 22 9.95 10.11 13.44
C ARG A 22 9.85 10.86 14.77
N ILE A 23 10.79 11.77 15.00
CA ILE A 23 10.81 12.57 16.22
C ILE A 23 10.70 14.06 15.93
N GLY A 24 11.55 14.56 15.03
CA GLY A 24 11.59 15.99 14.74
C GLY A 24 11.72 16.35 13.28
N ASP A 25 11.55 17.63 12.98
CA ASP A 25 11.56 18.12 11.60
C ASP A 25 12.91 18.66 11.16
N GLU A 26 13.84 18.81 12.11
CA GLU A 26 15.17 19.31 11.79
C GLU A 26 16.25 18.41 12.38
N LEU A 27 17.23 18.05 11.54
CA LEU A 27 18.33 17.21 11.98
C LEU A 27 19.55 18.03 12.34
N TYR A 28 20.03 17.83 13.57
CA TYR A 28 21.18 18.58 14.06
C TYR A 28 22.46 17.72 13.97
N LEU A 29 23.45 18.22 13.24
CA LEU A 29 24.72 17.52 13.09
C LEU A 29 25.82 18.23 13.86
N GLU A 30 26.58 17.47 14.63
CA GLU A 30 27.70 18.03 15.38
C GLU A 30 28.82 17.01 15.53
N PRO A 31 29.84 17.10 14.69
CA PRO A 31 31.02 16.22 14.79
C PRO A 31 31.83 16.52 16.03
N LEU A 32 31.97 15.52 16.90
CA LEU A 32 32.68 15.70 18.16
C LEU A 32 33.95 14.87 18.18
N GLU A 33 34.74 15.04 19.24
CA GLU A 33 35.95 14.26 19.44
C GLU A 33 35.60 12.78 19.62
N ASP A 34 34.48 12.53 20.29
CA ASP A 34 34.03 11.16 20.53
C ASP A 34 33.04 10.69 19.47
N GLY A 35 33.01 11.38 18.33
CA GLY A 35 32.24 10.92 17.19
C GLY A 35 31.17 11.86 16.66
N LEU A 36 30.49 11.40 15.61
CA LEU A 36 29.44 12.20 14.97
C LEU A 36 28.13 12.12 15.74
N SER A 37 27.59 13.29 16.09
CA SER A 37 26.34 13.36 16.81
C SER A 37 25.19 13.82 15.91
N LEU A 38 24.17 12.98 15.80
CA LEU A 38 22.96 13.33 15.08
C LEU A 38 21.81 13.49 16.08
N ARG A 39 21.23 14.68 16.14
CA ARG A 39 20.21 14.98 17.14
C ARG A 39 18.95 15.62 16.54
N THR A 40 17.87 15.60 17.30
CA THR A 40 16.65 16.29 16.94
C THR A 40 15.71 16.44 18.14
N VAL A 41 14.75 17.34 18.03
CA VAL A 41 13.71 17.51 19.04
C VAL A 41 12.36 17.63 18.34
N ASN A 42 11.28 17.29 19.03
CA ASN A 42 9.97 17.46 18.43
C ASN A 42 9.54 18.92 18.48
N SER A 43 8.36 19.21 17.94
CA SER A 43 7.91 20.59 17.77
C SER A 43 7.77 21.36 19.09
N SER A 44 7.43 20.65 20.16
CA SER A 44 7.21 21.28 21.44
C SER A 44 8.41 21.13 22.37
N ARG A 45 9.47 20.51 21.86
CA ARG A 45 10.66 20.18 22.64
C ARG A 45 10.30 19.43 23.91
N SER A 46 9.35 18.51 23.78
CA SER A 46 9.00 17.59 24.85
C SER A 46 9.54 16.20 24.52
N ALA A 47 10.34 16.14 23.46
CA ALA A 47 11.03 14.93 23.06
C ALA A 47 12.40 15.28 22.51
N TYR A 48 13.40 14.49 22.89
CA TYR A 48 14.78 14.74 22.50
C TYR A 48 15.44 13.42 22.10
N ALA A 49 16.07 13.40 20.93
CA ALA A 49 16.67 12.19 20.42
C ALA A 49 18.10 12.41 19.95
N CYS A 50 18.96 11.43 20.21
CA CYS A 50 20.38 11.56 19.86
C CYS A 50 21.01 10.23 19.48
N PHE A 51 21.71 10.23 18.35
CA PHE A 51 22.55 9.12 17.96
C PHE A 51 24.01 9.57 17.93
N LEU A 52 24.87 8.85 18.65
CA LEU A 52 26.28 9.15 18.65
C LEU A 52 27.07 8.02 17.98
N PHE A 53 27.72 8.34 16.87
CA PHE A 53 28.52 7.36 16.15
C PHE A 53 29.99 7.51 16.48
N ALA A 54 30.58 6.50 17.11
CA ALA A 54 31.99 6.51 17.48
C ALA A 54 32.88 6.77 16.27
N PRO A 55 34.09 7.31 16.50
CA PRO A 55 35.03 7.50 15.39
C PRO A 55 35.32 6.20 14.64
N LEU A 56 35.36 5.08 15.36
CA LEU A 56 35.66 3.79 14.74
C LEU A 56 34.45 3.17 14.06
N PHE A 57 33.30 3.84 14.14
CA PHE A 57 32.13 3.46 13.37
C PHE A 57 32.39 3.75 11.89
N PHE A 58 33.26 4.73 11.65
CA PHE A 58 33.58 5.18 10.30
C PHE A 58 34.89 4.58 9.80
N GLN A 59 34.99 4.39 8.48
CA GLN A 59 36.26 4.00 7.89
C GLN A 59 37.22 5.19 7.94
N GLN A 60 36.64 6.39 7.90
CA GLN A 60 37.41 7.61 8.09
C GLN A 60 36.57 8.64 8.82
N TYR A 61 37.12 9.20 9.89
CA TYR A 61 36.41 10.22 10.64
C TYR A 61 37.31 11.39 11.00
N GLN A 62 37.00 12.56 10.45
CA GLN A 62 37.66 13.80 10.81
C GLN A 62 36.61 14.80 11.28
N ALA A 63 36.61 15.08 12.58
CA ALA A 63 35.63 15.99 13.16
C ALA A 63 35.87 17.43 12.72
N ALA A 64 37.15 17.80 12.62
CA ALA A 64 37.52 19.18 12.36
C ALA A 64 37.45 19.54 10.87
N THR A 65 37.04 20.77 10.60
CA THR A 65 37.03 21.31 9.25
C THR A 65 38.13 22.36 9.13
N PRO A 66 39.30 21.96 8.58
CA PRO A 66 40.46 22.84 8.44
C PRO A 66 40.10 24.16 7.74
N GLY A 67 40.28 25.27 8.44
CA GLY A 67 39.95 26.59 7.92
C GLY A 67 38.59 27.10 8.38
N GLN A 68 37.92 26.29 9.19
CA GLN A 68 36.55 26.57 9.58
C GLN A 68 36.58 26.47 11.11
N ASP A 69 35.52 26.90 11.80
CA ASP A 69 35.26 26.44 13.18
C ASP A 69 34.61 25.05 13.13
N LEU A 70 34.49 24.40 14.29
CA LEU A 70 33.83 23.08 14.36
C LEU A 70 32.39 23.18 13.90
N LEU A 71 31.99 22.24 13.04
CA LEU A 71 30.65 22.26 12.48
C LEU A 71 29.59 22.07 13.55
N ARG A 72 28.65 23.01 13.60
CA ARG A 72 27.49 22.90 14.45
C ARG A 72 26.29 23.31 13.61
N CYS A 73 25.55 22.37 13.06
CA CYS A 73 24.56 22.70 12.07
C CYS A 73 23.26 21.94 12.08
N LYS A 74 22.30 22.43 11.33
CA LYS A 74 21.05 21.75 11.19
C LYS A 74 20.57 21.72 9.76
N ILE A 75 19.92 20.63 9.41
CA ILE A 75 19.36 20.45 8.08
C ILE A 75 17.92 20.01 8.21
N LEU A 76 17.09 20.37 7.24
CA LEU A 76 15.71 19.89 7.20
C LEU A 76 15.70 18.37 7.17
N MET A 77 15.02 17.76 8.14
CA MET A 77 15.03 16.32 8.31
C MET A 77 14.62 15.57 7.05
N LYS A 78 13.57 16.07 6.39
CA LYS A 78 13.07 15.47 5.17
C LYS A 78 14.14 15.42 4.08
N SER A 79 14.96 16.46 4.02
CA SER A 79 16.04 16.54 3.04
C SER A 79 17.10 15.47 3.29
N PHE A 80 17.49 15.30 4.55
CA PHE A 80 18.51 14.32 4.89
C PHE A 80 17.95 12.90 4.79
N LEU A 81 16.69 12.74 5.17
CA LEU A 81 16.01 11.45 5.07
C LEU A 81 15.92 11.01 3.61
N SER A 82 15.74 11.97 2.71
CA SER A 82 15.61 11.70 1.29
C SER A 82 16.82 10.94 0.75
N VAL A 83 18.01 11.30 1.22
CA VAL A 83 19.25 10.65 0.80
C VAL A 83 19.26 9.18 1.17
N PHE A 84 18.69 8.87 2.34
CA PHE A 84 18.66 7.49 2.82
C PHE A 84 17.26 6.88 2.84
N ARG A 85 16.35 7.33 1.98
CA ARG A 85 14.94 6.98 2.18
C ARG A 85 14.66 5.48 1.99
N SER A 86 15.34 4.83 1.04
CA SER A 86 15.12 3.42 0.84
C SER A 86 16.27 2.59 1.41
N LEU A 87 16.01 1.94 2.54
CA LEU A 87 17.01 1.14 3.24
C LEU A 87 17.37 -0.11 2.44
N ALA A 88 16.38 -0.65 1.74
CA ALA A 88 16.58 -1.83 0.90
C ALA A 88 17.58 -1.55 -0.21
N MET A 89 17.59 -0.32 -0.70
CA MET A 89 18.53 0.07 -1.74
C MET A 89 19.89 0.45 -1.17
N LEU A 90 19.90 1.00 0.04
CA LEU A 90 21.15 1.27 0.74
C LEU A 90 21.99 0.00 0.82
N GLU A 91 21.34 -1.10 1.19
CA GLU A 91 22.02 -2.38 1.38
C GLU A 91 22.50 -2.99 0.07
N LYS A 92 21.63 -3.01 -0.94
CA LYS A 92 21.94 -3.69 -2.20
C LYS A 92 22.87 -2.89 -3.10
N THR A 93 22.74 -1.57 -3.09
CA THR A 93 23.42 -0.74 -4.07
C THR A 93 24.58 0.06 -3.50
N VAL A 94 24.38 0.66 -2.32
CA VAL A 94 25.38 1.55 -1.74
C VAL A 94 26.51 0.79 -1.04
N GLU A 95 27.74 1.04 -1.46
CA GLU A 95 28.91 0.40 -0.85
C GLU A 95 29.57 1.33 0.16
N LYS A 96 29.66 2.61 -0.18
CA LYS A 96 30.24 3.60 0.72
C LYS A 96 29.39 4.88 0.77
N CYS A 97 29.37 5.51 1.95
CA CYS A 97 28.72 6.81 2.09
C CYS A 97 29.70 7.80 2.71
N CYS A 98 29.92 8.92 2.01
CA CYS A 98 30.82 9.95 2.50
C CYS A 98 30.07 11.24 2.81
N ILE A 99 30.20 11.70 4.04
CA ILE A 99 29.61 12.96 4.46
C ILE A 99 30.72 13.97 4.75
N SER A 100 30.76 15.06 3.98
CA SER A 100 31.82 16.04 4.13
C SER A 100 31.31 17.48 3.97
N LEU A 101 32.19 18.42 4.27
CA LEU A 101 31.87 19.84 4.17
C LEU A 101 32.69 20.47 3.04
N ASN A 102 32.02 20.85 1.95
CA ASN A 102 32.71 21.27 0.73
C ASN A 102 33.62 22.49 0.94
N SER A 105 32.86 25.71 1.46
CA SER A 105 32.28 25.83 2.79
C SER A 105 30.78 26.12 2.72
N SER A 106 30.17 25.81 1.59
CA SER A 106 28.81 26.24 1.29
C SER A 106 27.74 25.22 1.66
N ARG A 107 27.91 23.99 1.18
CA ARG A 107 26.90 22.93 1.34
C ARG A 107 27.45 21.73 2.09
N LEU A 108 26.56 20.91 2.64
CA LEU A 108 26.97 19.61 3.16
C LEU A 108 26.84 18.57 2.06
N VAL A 109 27.96 17.93 1.72
CA VAL A 109 27.98 16.98 0.61
C VAL A 109 27.85 15.54 1.11
N VAL A 110 26.87 14.83 0.56
CA VAL A 110 26.71 13.41 0.85
C VAL A 110 26.88 12.60 -0.43
N GLN A 111 27.97 11.85 -0.51
CA GLN A 111 28.23 11.01 -1.68
C GLN A 111 27.94 9.55 -1.39
N LEU A 112 27.17 8.92 -2.26
CA LEU A 112 26.93 7.49 -2.17
C LEU A 112 27.69 6.77 -3.28
N HIS A 113 28.72 6.03 -2.88
CA HIS A 113 29.48 5.23 -3.83
C HIS A 113 28.77 3.90 -4.03
N CYS A 114 28.20 3.70 -5.21
CA CYS A 114 27.33 2.56 -5.46
C CYS A 114 27.97 1.53 -6.38
N LYS A 115 27.27 0.42 -6.57
CA LYS A 115 27.76 -0.66 -7.41
C LYS A 115 27.90 -0.22 -8.87
N PHE A 116 28.76 -0.92 -9.60
CA PHE A 116 29.01 -0.66 -11.02
C PHE A 116 29.50 0.76 -11.27
N GLY A 117 30.24 1.30 -10.30
CA GLY A 117 30.88 2.59 -10.46
C GLY A 117 29.95 3.79 -10.39
N VAL A 118 28.68 3.54 -10.11
CA VAL A 118 27.69 4.62 -10.01
C VAL A 118 27.92 5.45 -8.75
N ARG A 119 27.89 6.77 -8.92
CA ARG A 119 28.07 7.68 -7.79
C ARG A 119 26.91 8.68 -7.71
N LYS A 120 26.29 8.76 -6.55
CA LYS A 120 25.21 9.72 -6.33
C LYS A 120 25.65 10.79 -5.34
N THR A 121 25.61 12.04 -5.77
CA THR A 121 26.09 13.15 -4.95
C THR A 121 24.95 14.09 -4.55
N HIS A 122 24.81 14.32 -3.25
CA HIS A 122 23.81 15.25 -2.74
C HIS A 122 24.47 16.49 -2.16
N ASN A 123 24.12 17.66 -2.70
CA ASN A 123 24.61 18.92 -2.18
C ASN A 123 23.55 19.60 -1.34
N LEU A 124 23.55 19.30 -0.04
CA LEU A 124 22.50 19.76 0.86
C LEU A 124 22.83 21.13 1.46
N SER A 125 21.82 21.99 1.53
CA SER A 125 21.97 23.27 2.21
C SER A 125 21.77 23.06 3.71
N PHE A 126 22.46 23.86 4.51
CA PHE A 126 22.36 23.75 5.95
C PHE A 126 22.44 25.11 6.64
N GLN A 127 22.13 25.13 7.93
CA GLN A 127 22.20 26.36 8.71
C GLN A 127 23.12 26.18 9.92
N ASP A 128 24.08 27.08 10.07
CA ASP A 128 24.89 27.12 11.28
C ASP A 128 23.99 27.49 12.45
N CYS A 129 24.02 26.69 13.51
CA CYS A 129 23.11 26.90 14.62
C CYS A 129 23.71 26.53 15.96
N GLU A 130 22.85 26.51 16.98
CA GLU A 130 23.26 26.20 18.34
C GLU A 130 23.46 24.69 18.50
N SER A 131 24.21 24.32 19.54
CA SER A 131 24.36 22.91 19.89
C SER A 131 23.05 22.42 20.51
N LEU A 132 22.70 21.17 20.22
CA LEU A 132 21.49 20.60 20.79
C LEU A 132 21.84 19.67 21.95
N GLN A 133 23.10 19.72 22.38
CA GLN A 133 23.55 18.88 23.49
C GLN A 133 22.80 19.22 24.78
N ALA A 134 22.25 18.19 25.41
CA ALA A 134 21.54 18.35 26.68
C ALA A 134 21.71 17.07 27.50
N VAL A 135 22.17 17.23 28.74
CA VAL A 135 22.48 16.07 29.58
C VAL A 135 21.25 15.47 30.26
N PHE A 136 21.07 14.18 30.04
CA PHE A 136 20.00 13.42 30.69
C PHE A 136 20.57 12.12 31.25
N ASP A 137 20.94 12.13 32.52
CA ASP A 137 21.58 10.98 33.15
C ASP A 137 20.56 9.92 33.56
N PRO A 138 20.67 8.71 32.97
CA PRO A 138 19.81 7.59 33.33
C PRO A 138 19.97 7.16 34.79
N ALA A 139 21.20 7.24 35.29
CA ALA A 139 21.52 6.79 36.64
C ALA A 139 20.80 7.60 37.72
N SER A 140 20.26 8.76 37.33
CA SER A 140 19.51 9.60 38.26
C SER A 140 18.07 9.12 38.41
N CYS A 141 17.65 8.24 37.52
CA CYS A 141 16.30 7.69 37.56
C CYS A 141 16.23 6.49 38.51
N PRO A 142 15.26 6.50 39.43
CA PRO A 142 15.11 5.42 40.41
C PRO A 142 14.59 4.12 39.77
N HIS A 143 13.77 4.24 38.74
CA HIS A 143 13.15 3.07 38.13
C HIS A 143 13.75 2.76 36.76
N MET A 144 13.88 1.47 36.46
CA MET A 144 14.41 1.04 35.17
C MET A 144 13.90 -0.32 34.76
N LEU A 145 13.98 -0.60 33.46
CA LEU A 145 13.78 -1.94 32.94
C LEU A 145 14.58 -2.11 31.66
N ARG A 146 14.97 -3.34 31.37
CA ARG A 146 15.69 -3.62 30.14
C ARG A 146 15.17 -4.93 29.54
N ALA A 147 15.02 -4.94 28.22
CA ALA A 147 14.53 -6.10 27.50
C ALA A 147 14.97 -6.03 26.05
N PRO A 148 15.01 -7.18 25.36
CA PRO A 148 15.25 -7.15 23.92
C PRO A 148 14.23 -6.26 23.23
N ALA A 149 14.67 -5.48 22.24
CA ALA A 149 13.78 -4.56 21.54
C ALA A 149 12.62 -5.30 20.89
N ARG A 150 12.88 -6.54 20.47
CA ARG A 150 11.87 -7.35 19.82
C ARG A 150 10.75 -7.75 20.78
N VAL A 151 11.08 -7.87 22.06
CA VAL A 151 10.08 -8.13 23.08
C VAL A 151 9.11 -6.96 23.18
N LEU A 152 9.67 -5.77 23.27
CA LEU A 152 8.88 -4.54 23.36
C LEU A 152 8.12 -4.29 22.06
N GLY A 153 8.69 -4.74 20.95
CA GLY A 153 8.03 -4.63 19.66
C GLY A 153 6.77 -5.47 19.65
N GLU A 154 6.85 -6.66 20.24
CA GLU A 154 5.69 -7.54 20.38
C GLU A 154 4.65 -6.93 21.32
N ALA A 155 5.14 -6.26 22.37
CA ALA A 155 4.28 -5.68 23.38
C ALA A 155 3.42 -4.54 22.83
N VAL A 156 3.95 -3.82 21.85
CA VAL A 156 3.29 -2.64 21.31
C VAL A 156 2.39 -3.01 20.12
N LEU A 157 2.66 -4.18 19.54
CA LEU A 157 1.90 -4.69 18.40
C LEU A 157 0.36 -4.67 18.54
N PRO A 158 -0.19 -5.00 19.73
CA PRO A 158 -1.66 -5.00 19.80
C PRO A 158 -2.34 -3.64 19.67
N PHE A 159 -1.61 -2.55 19.92
CA PHE A 159 -2.21 -1.22 19.87
C PHE A 159 -2.47 -0.75 18.45
N SER A 160 -3.37 0.22 18.32
CA SER A 160 -3.61 0.85 17.02
C SER A 160 -2.38 1.62 16.59
N PRO A 161 -2.07 1.58 15.28
CA PRO A 161 -0.94 2.35 14.75
C PRO A 161 -1.14 3.85 14.93
N ALA A 162 -2.38 4.27 15.16
CA ALA A 162 -2.70 5.68 15.32
C ALA A 162 -2.77 6.09 16.80
N LEU A 163 -2.47 5.16 17.70
CA LEU A 163 -2.49 5.45 19.12
C LEU A 163 -1.36 6.41 19.48
N ALA A 164 -1.72 7.56 20.06
CA ALA A 164 -0.76 8.61 20.34
C ALA A 164 0.04 8.33 21.61
N GLU A 165 -0.64 7.96 22.68
CA GLU A 165 0.02 7.81 23.97
C GLU A 165 -0.25 6.46 24.62
N VAL A 166 0.76 5.94 25.31
CA VAL A 166 0.67 4.64 25.97
C VAL A 166 1.17 4.76 27.41
N THR A 167 0.59 3.95 28.31
CA THR A 167 1.00 3.96 29.70
C THR A 167 1.83 2.72 30.04
N LEU A 168 3.05 2.95 30.51
CA LEU A 168 3.91 1.86 30.98
C LEU A 168 3.84 1.76 32.50
N GLY A 169 3.39 0.61 33.00
CA GLY A 169 3.20 0.44 34.44
C GLY A 169 3.69 -0.87 35.01
N ILE A 170 3.99 -0.86 36.30
CA ILE A 170 4.45 -2.05 37.02
C ILE A 170 3.36 -2.55 37.97
N GLY A 171 2.83 -3.74 37.71
CA GLY A 171 1.75 -4.29 38.52
C GLY A 171 2.15 -5.36 39.50
N ARG A 172 1.17 -5.97 40.15
CA ARG A 172 1.41 -7.08 41.07
C ARG A 172 2.06 -8.27 40.38
N GLY A 173 2.88 -9.01 41.13
CA GLY A 173 3.59 -10.15 40.60
C GLY A 173 4.73 -9.72 39.69
N ARG A 174 5.18 -8.48 39.89
CA ARG A 174 6.20 -7.86 39.05
C ARG A 174 5.87 -8.01 37.57
N ARG A 175 4.62 -7.71 37.25
CA ARG A 175 4.13 -7.73 35.87
C ARG A 175 4.31 -6.36 35.23
N VAL A 176 4.73 -6.35 33.97
CA VAL A 176 4.87 -5.11 33.23
C VAL A 176 3.67 -4.91 32.31
N ILE A 177 3.00 -3.78 32.48
CA ILE A 177 1.74 -3.53 31.78
C ILE A 177 1.85 -2.35 30.81
N LEU A 178 1.41 -2.58 29.57
CA LEU A 178 1.27 -1.51 28.60
C LEU A 178 -0.22 -1.28 28.32
N ARG A 179 -0.70 -0.10 28.67
CA ARG A 179 -2.11 0.23 28.47
C ARG A 179 -2.27 1.49 27.62
N SER A 180 -3.17 1.42 26.64
CA SER A 180 -3.45 2.58 25.80
C SER A 180 -4.02 3.71 26.65
N TYR A 181 -3.58 4.93 26.36
CA TYR A 181 -4.06 6.11 27.06
C TYR A 181 -5.01 6.90 26.17
N HIS A 182 -6.07 7.46 26.77
CA HIS A 182 -7.06 8.21 26.02
C HIS A 182 -7.53 9.43 26.80
N GLU A 183 -7.52 10.58 26.15
CA GLU A 183 -8.02 11.80 26.76
C GLU A 183 -9.48 12.04 26.39
N GLU A 184 -10.34 11.98 27.40
CA GLU A 184 -11.79 12.11 27.24
C GLU A 184 -12.19 13.33 26.41
N THR A 189 -17.87 12.52 22.83
CA THR A 189 -18.65 11.88 23.90
C THR A 189 -18.87 10.40 23.60
N ALA A 190 -18.01 9.84 22.76
CA ALA A 190 -18.03 8.41 22.46
C ALA A 190 -16.77 7.75 22.98
N LYS A 191 -16.93 6.60 23.62
CA LYS A 191 -15.83 5.94 24.33
C LYS A 191 -14.89 5.17 23.41
N ALA A 192 -13.61 5.13 23.79
CA ALA A 192 -12.59 4.43 23.02
C ALA A 192 -12.28 3.07 23.62
N MET A 193 -11.93 2.11 22.76
CA MET A 193 -11.56 0.79 23.23
C MET A 193 -10.20 0.82 23.93
N VAL A 194 -10.18 0.34 25.17
CA VAL A 194 -8.94 0.28 25.94
C VAL A 194 -8.23 -1.05 25.67
N THR A 195 -6.95 -0.95 25.30
CA THR A 195 -6.13 -2.14 25.07
C THR A 195 -5.01 -2.21 26.09
N GLU A 196 -4.86 -3.38 26.70
CA GLU A 196 -3.81 -3.60 27.68
C GLU A 196 -2.97 -4.82 27.34
N MET A 197 -1.69 -4.60 27.06
CA MET A 197 -0.76 -5.71 26.92
C MET A 197 -0.09 -5.97 28.25
N CYS A 198 -0.10 -7.22 28.68
CA CYS A 198 0.41 -7.59 29.99
C CYS A 198 1.54 -8.60 29.83
N LEU A 199 2.73 -8.24 30.32
CA LEU A 199 3.90 -9.08 30.14
C LEU A 199 4.44 -9.64 31.45
N GLY A 200 4.96 -10.87 31.39
CA GLY A 200 5.65 -11.45 32.52
C GLY A 200 7.06 -10.93 32.59
N GLU A 201 7.64 -10.94 33.78
CA GLU A 201 9.00 -10.45 33.99
C GLU A 201 10.06 -11.31 33.30
N GLU A 202 9.69 -12.52 32.91
CA GLU A 202 10.61 -13.42 32.22
C GLU A 202 11.06 -12.82 30.90
N ASP A 203 10.19 -12.01 30.30
CA ASP A 203 10.49 -11.34 29.05
C ASP A 203 11.56 -10.27 29.24
N PHE A 204 11.77 -9.85 30.49
CA PHE A 204 12.68 -8.76 30.79
C PHE A 204 14.01 -9.25 31.36
N GLN A 205 15.11 -8.65 30.89
CA GLN A 205 16.44 -8.98 31.36
C GLN A 205 16.71 -8.34 32.71
N GLN A 206 16.05 -7.20 32.95
CA GLN A 206 16.21 -6.48 34.20
C GLN A 206 14.97 -5.65 34.48
N LEU A 207 14.47 -5.73 35.71
CA LEU A 207 13.31 -4.96 36.11
C LEU A 207 13.53 -4.38 37.50
N GLN A 208 13.77 -3.08 37.56
CA GLN A 208 14.02 -2.41 38.84
C GLN A 208 13.08 -1.24 39.02
N ALA A 209 11.85 -1.52 39.41
CA ALA A 209 10.85 -0.49 39.60
C ALA A 209 9.83 -0.91 40.65
N GLN A 210 9.57 -0.02 41.60
CA GLN A 210 8.51 -0.23 42.58
C GLN A 210 7.20 -0.49 41.87
N GLU A 211 6.35 -1.32 42.45
CA GLU A 211 5.07 -1.63 41.85
C GLU A 211 4.10 -0.45 42.00
N GLY A 212 3.27 -0.23 41.00
CA GLY A 212 2.26 0.81 41.06
C GLY A 212 2.72 2.02 40.30
N VAL A 213 4.03 2.07 40.04
CA VAL A 213 4.61 3.13 39.24
C VAL A 213 4.17 3.01 37.80
N ALA A 214 3.67 4.10 37.23
CA ALA A 214 3.28 4.11 35.83
C ALA A 214 3.60 5.47 35.21
N ILE A 215 4.01 5.44 33.95
CA ILE A 215 4.25 6.67 33.20
C ILE A 215 3.53 6.62 31.85
N THR A 216 3.04 7.76 31.40
CA THR A 216 2.40 7.86 30.10
C THR A 216 3.22 8.76 29.18
N PHE A 217 3.60 8.21 28.03
CA PHE A 217 4.40 8.96 27.07
C PHE A 217 3.91 8.76 25.64
N CYS A 218 4.55 9.44 24.70
CA CYS A 218 4.14 9.40 23.30
C CYS A 218 4.60 8.11 22.62
N LEU A 219 3.64 7.26 22.26
CA LEU A 219 3.93 5.98 21.64
C LEU A 219 4.54 6.14 20.24
N LYS A 220 4.03 7.11 19.48
CA LYS A 220 4.52 7.40 18.14
C LYS A 220 6.03 7.63 18.12
N GLU A 221 6.51 8.38 19.10
CA GLU A 221 7.93 8.69 19.21
C GLU A 221 8.71 7.49 19.74
N PHE A 222 8.11 6.75 20.67
CA PHE A 222 8.72 5.55 21.22
C PHE A 222 8.95 4.51 20.14
N ARG A 223 8.01 4.40 19.20
CA ARG A 223 8.14 3.50 18.06
C ARG A 223 9.38 3.85 17.23
N GLY A 224 9.71 5.14 17.19
CA GLY A 224 10.86 5.62 16.43
C GLY A 224 12.17 4.97 16.86
N LEU A 225 12.46 5.03 18.15
CA LEU A 225 13.67 4.41 18.67
C LEU A 225 13.58 2.89 18.63
N LEU A 226 12.42 2.36 19.00
CA LEU A 226 12.22 0.92 19.06
C LEU A 226 12.50 0.25 17.72
N SER A 227 12.10 0.92 16.63
CA SER A 227 12.30 0.38 15.30
C SER A 227 13.77 0.20 14.96
N PHE A 228 14.60 1.16 15.37
CA PHE A 228 16.04 1.05 15.14
C PHE A 228 16.62 -0.13 15.90
N ALA A 229 16.23 -0.25 17.16
CA ALA A 229 16.78 -1.29 18.04
C ALA A 229 16.27 -2.68 17.65
N GLU A 230 15.10 -2.73 17.03
CA GLU A 230 14.54 -4.00 16.57
C GLU A 230 15.32 -4.57 15.40
N SER A 231 15.47 -3.78 14.34
CA SER A 231 16.15 -4.22 13.13
C SER A 231 17.64 -4.47 13.37
N ALA A 232 18.14 -4.00 14.50
CA ALA A 232 19.54 -4.22 14.86
C ALA A 232 19.66 -5.30 15.93
N ASN A 233 18.52 -5.79 16.40
CA ASN A 233 18.45 -6.81 17.44
C ASN A 233 19.26 -6.41 18.68
N LEU A 234 18.92 -5.26 19.25
CA LEU A 234 19.60 -4.76 20.44
C LEU A 234 18.66 -4.73 21.64
N ASN A 235 19.24 -4.56 22.82
CA ASN A 235 18.45 -4.39 24.03
C ASN A 235 18.05 -2.94 24.22
N LEU A 236 16.90 -2.71 24.85
CA LEU A 236 16.43 -1.36 25.10
C LEU A 236 16.18 -1.15 26.59
N SER A 237 16.79 -0.11 27.14
CA SER A 237 16.61 0.23 28.54
C SER A 237 15.67 1.42 28.68
N ILE A 238 14.76 1.34 29.64
CA ILE A 238 13.87 2.45 29.94
C ILE A 238 14.07 2.93 31.37
N HIS A 239 14.62 4.12 31.52
CA HIS A 239 14.82 4.71 32.83
C HIS A 239 13.77 5.79 33.06
N PHE A 240 13.13 5.75 34.23
CA PHE A 240 12.10 6.74 34.53
C PHE A 240 11.95 6.97 36.03
N ASP A 241 11.08 7.91 36.37
CA ASP A 241 10.94 8.37 37.75
C ASP A 241 9.47 8.39 38.14
N ALA A 242 8.96 9.57 38.45
CA ALA A 242 7.54 9.76 38.74
C ALA A 242 6.83 10.25 37.49
N PRO A 243 5.50 10.14 37.45
CA PRO A 243 4.76 10.75 36.33
C PRO A 243 5.00 12.26 36.30
N GLY A 244 5.15 12.82 35.09
CA GLY A 244 5.45 14.22 34.94
C GLY A 244 6.93 14.45 34.73
N ARG A 245 7.74 13.46 35.09
CA ARG A 245 9.18 13.51 34.88
C ARG A 245 9.54 12.70 33.64
N PRO A 246 10.55 13.16 32.88
CA PRO A 246 10.90 12.53 31.61
C PRO A 246 11.35 11.08 31.76
N ALA A 247 11.14 10.30 30.71
CA ALA A 247 11.64 8.92 30.64
C ALA A 247 12.81 8.86 29.68
N ILE A 248 13.86 8.14 30.06
CA ILE A 248 15.05 8.04 29.23
C ILE A 248 15.17 6.66 28.62
N PHE A 249 15.13 6.61 27.28
CA PHE A 249 15.21 5.35 26.55
C PHE A 249 16.59 5.24 25.92
N THR A 250 17.34 4.21 26.28
CA THR A 250 18.70 4.07 25.79
C THR A 250 18.94 2.75 25.05
N ILE A 251 19.74 2.83 24.00
CA ILE A 251 20.26 1.64 23.34
C ILE A 251 21.76 1.76 23.20
N LYS A 252 22.45 0.63 23.21
CA LYS A 252 23.90 0.64 23.06
C LYS A 252 24.38 -0.46 22.13
N ASP A 253 25.24 -0.07 21.18
CA ASP A 253 25.94 -1.02 20.35
C ASP A 253 27.43 -0.83 20.58
N SER A 254 28.25 -1.61 19.89
CA SER A 254 29.70 -1.54 20.11
C SER A 254 30.26 -0.16 19.78
N LEU A 255 29.80 0.43 18.68
CA LEU A 255 30.38 1.68 18.21
C LEU A 255 29.35 2.79 17.98
N LEU A 256 28.19 2.68 18.63
CA LEU A 256 27.22 3.76 18.58
C LEU A 256 26.32 3.76 19.81
N ASP A 257 25.87 4.96 20.19
CA ASP A 257 24.93 5.13 21.29
C ASP A 257 23.69 5.85 20.81
N GLY A 258 22.54 5.40 21.29
CA GLY A 258 21.29 6.07 20.98
C GLY A 258 20.47 6.26 22.24
N HIS A 259 19.98 7.46 22.47
CA HIS A 259 19.07 7.67 23.58
C HIS A 259 18.00 8.70 23.25
N PHE A 260 16.77 8.35 23.62
CA PHE A 260 15.60 9.21 23.43
C PHE A 260 15.13 9.67 24.79
N VAL A 261 14.75 10.94 24.89
CA VAL A 261 14.17 11.46 26.12
C VAL A 261 12.76 11.95 25.86
N LEU A 262 11.79 11.33 26.51
CA LEU A 262 10.39 11.69 26.32
C LEU A 262 9.77 12.22 27.61
N ALA A 263 9.05 13.33 27.49
CA ALA A 263 8.30 13.85 28.63
C ALA A 263 7.15 12.90 28.95
N THR A 264 6.76 12.83 30.22
CA THR A 264 5.63 12.01 30.61
C THR A 264 4.49 12.88 31.13
N LEU A 265 3.27 12.37 31.07
CA LEU A 265 2.10 13.10 31.52
C LEU A 265 2.08 13.23 33.04
N SER A 266 1.33 14.20 33.52
CA SER A 266 1.22 14.45 34.96
C SER A 266 -0.11 13.95 35.51
N HIS B 3 -25.81 2.11 36.58
CA HIS B 3 -25.79 1.79 35.16
C HIS B 3 -25.78 0.27 34.97
N HIS B 4 -26.64 -0.39 35.74
CA HIS B 4 -26.58 -1.83 35.97
C HIS B 4 -27.32 -2.58 34.85
N HIS B 5 -26.92 -3.83 34.60
CA HIS B 5 -27.64 -4.74 33.72
C HIS B 5 -27.54 -6.16 34.28
N HIS B 6 -28.68 -6.79 34.54
CA HIS B 6 -28.70 -8.11 35.16
C HIS B 6 -28.46 -9.26 34.19
N HIS B 7 -27.98 -8.94 32.99
CA HIS B 7 -27.59 -9.97 32.04
C HIS B 7 -26.11 -10.28 32.20
N LYS B 8 -25.67 -11.39 31.60
CA LYS B 8 -24.27 -11.77 31.66
C LYS B 8 -23.89 -12.67 30.49
N PHE B 9 -22.60 -12.73 30.20
CA PHE B 9 -22.10 -13.51 29.08
C PHE B 9 -20.61 -13.82 29.23
N ARG B 10 -20.27 -15.10 29.16
CA ARG B 10 -18.88 -15.53 29.24
C ARG B 10 -18.64 -16.68 28.26
N ALA B 11 -17.59 -16.57 27.46
CA ALA B 11 -17.28 -17.60 26.47
C ALA B 11 -15.78 -17.74 26.25
N LYS B 12 -15.38 -18.86 25.64
CA LYS B 12 -13.97 -19.15 25.46
C LYS B 12 -13.73 -19.97 24.20
N ILE B 13 -12.67 -19.63 23.46
CA ILE B 13 -12.25 -20.38 22.30
C ILE B 13 -10.82 -20.89 22.48
N VAL B 14 -10.59 -22.17 22.23
CA VAL B 14 -9.26 -22.76 22.40
C VAL B 14 -8.79 -23.46 21.12
N ASP B 15 -9.70 -23.64 20.17
CA ASP B 15 -9.37 -24.30 18.92
C ASP B 15 -8.88 -23.28 17.90
N GLY B 16 -7.63 -23.45 17.45
CA GLY B 16 -6.99 -22.51 16.55
C GLY B 16 -7.76 -22.25 15.27
N ALA B 17 -8.40 -23.28 14.73
CA ALA B 17 -9.19 -23.13 13.52
C ALA B 17 -10.38 -22.21 13.76
N CYS B 18 -11.10 -22.46 14.86
CA CYS B 18 -12.24 -21.63 15.23
C CYS B 18 -11.79 -20.20 15.52
N LEU B 19 -10.58 -20.07 16.06
CA LEU B 19 -10.04 -18.76 16.43
C LEU B 19 -9.77 -17.91 15.20
N ASN B 20 -9.02 -18.46 14.25
CA ASN B 20 -8.78 -17.80 12.97
C ASN B 20 -10.10 -17.50 12.26
N HIS B 21 -11.03 -18.45 12.36
CA HIS B 21 -12.34 -18.34 11.73
C HIS B 21 -13.15 -17.20 12.32
N PHE B 22 -13.12 -17.08 13.65
CA PHE B 22 -13.84 -16.03 14.34
C PHE B 22 -13.26 -14.66 13.98
N THR B 23 -11.96 -14.64 13.68
CA THR B 23 -11.28 -13.41 13.30
C THR B 23 -11.71 -12.94 11.91
N ARG B 24 -11.81 -13.89 10.97
CA ARG B 24 -12.19 -13.57 9.60
C ARG B 24 -13.58 -12.93 9.53
N ILE B 25 -14.47 -13.37 10.42
CA ILE B 25 -15.84 -12.88 10.44
C ILE B 25 -15.91 -11.43 10.87
N SER B 26 -15.19 -11.09 11.94
CA SER B 26 -15.15 -9.71 12.41
C SER B 26 -14.52 -8.80 11.37
N ASN B 27 -13.52 -9.32 10.66
CA ASN B 27 -12.89 -8.59 9.58
C ASN B 27 -13.86 -8.34 8.43
N MET B 28 -14.71 -9.32 8.16
CA MET B 28 -15.72 -9.23 7.11
C MET B 28 -16.77 -8.18 7.46
N ILE B 29 -17.18 -8.15 8.73
CA ILE B 29 -18.21 -7.24 9.19
C ILE B 29 -17.74 -5.80 9.19
N ALA B 30 -16.48 -5.58 9.57
CA ALA B 30 -15.90 -4.25 9.64
C ALA B 30 -15.92 -3.55 8.28
N LYS B 31 -15.91 -4.35 7.21
CA LYS B 31 -15.95 -3.81 5.86
C LYS B 31 -17.36 -3.40 5.45
N LEU B 32 -18.35 -4.12 5.99
CA LEU B 32 -19.73 -3.93 5.57
C LEU B 32 -20.40 -2.73 6.25
N ALA B 33 -20.07 -2.51 7.51
CA ALA B 33 -20.56 -1.34 8.23
C ALA B 33 -19.65 -0.96 9.39
N LYS B 34 -19.67 0.33 9.75
CA LYS B 34 -18.85 0.82 10.85
C LYS B 34 -19.45 0.37 12.18
N THR B 35 -20.77 0.26 12.23
CA THR B 35 -21.47 -0.09 13.45
C THR B 35 -22.26 -1.39 13.25
N CYS B 36 -22.27 -2.23 14.27
CA CYS B 36 -22.88 -3.54 14.18
C CYS B 36 -23.58 -3.92 15.47
N THR B 37 -24.67 -4.67 15.36
CA THR B 37 -25.35 -5.17 16.55
C THR B 37 -25.10 -6.67 16.72
N LEU B 38 -24.56 -7.03 17.88
CA LEU B 38 -24.30 -8.42 18.19
C LEU B 38 -25.40 -9.00 19.06
N ARG B 39 -25.97 -10.12 18.62
CA ARG B 39 -27.04 -10.76 19.36
C ARG B 39 -26.55 -12.05 20.02
N ILE B 40 -26.71 -12.13 21.33
CA ILE B 40 -26.27 -13.29 22.09
C ILE B 40 -27.46 -14.10 22.59
N SER B 41 -27.50 -15.37 22.19
CA SER B 41 -28.52 -16.30 22.64
C SER B 41 -27.82 -17.54 23.22
N PRO B 42 -28.55 -18.37 23.99
CA PRO B 42 -27.90 -19.55 24.59
C PRO B 42 -27.28 -20.52 23.58
N ASP B 43 -27.62 -20.42 22.31
CA ASP B 43 -27.09 -21.35 21.31
C ASP B 43 -26.50 -20.69 20.08
N LYS B 44 -26.68 -19.38 19.93
CA LYS B 44 -26.21 -18.69 18.74
C LYS B 44 -25.61 -17.31 18.99
N LEU B 45 -24.76 -16.89 18.06
CA LEU B 45 -24.29 -15.51 17.98
C LEU B 45 -24.72 -14.93 16.64
N ASN B 46 -25.28 -13.72 16.67
CA ASN B 46 -25.68 -13.05 15.43
C ASN B 46 -25.06 -11.67 15.28
N PHE B 47 -24.61 -11.36 14.07
CA PHE B 47 -24.17 -10.02 13.74
C PHE B 47 -25.18 -9.39 12.80
N ILE B 48 -25.75 -8.26 13.22
CA ILE B 48 -26.89 -7.69 12.51
C ILE B 48 -26.64 -6.27 12.01
N LEU B 49 -26.94 -6.05 10.73
CA LEU B 49 -26.90 -4.73 10.12
C LEU B 49 -28.27 -4.40 9.55
N CYS B 50 -28.78 -3.20 9.86
CA CYS B 50 -30.08 -2.80 9.36
C CYS B 50 -30.12 -1.30 9.02
N ASP B 51 -29.43 -0.92 7.94
CA ASP B 51 -29.33 0.47 7.55
C ASP B 51 -30.60 0.95 6.85
N GLY B 57 -29.66 1.53 1.84
CA GLY B 57 -30.12 0.81 3.01
C GLY B 57 -29.91 -0.69 2.88
N VAL B 58 -28.77 -1.17 3.35
CA VAL B 58 -28.42 -2.59 3.24
C VAL B 58 -28.59 -3.32 4.56
N SER B 59 -29.27 -4.47 4.51
CA SER B 59 -29.42 -5.32 5.67
C SER B 59 -28.39 -6.46 5.64
N MET B 60 -28.01 -6.92 6.83
CA MET B 60 -27.12 -8.07 6.93
C MET B 60 -27.51 -8.96 8.12
N TRP B 61 -27.65 -10.25 7.86
CA TRP B 61 -27.91 -11.21 8.93
C TRP B 61 -26.84 -12.30 8.88
N CYS B 62 -25.96 -12.29 9.87
CA CYS B 62 -24.91 -13.30 9.98
C CYS B 62 -25.14 -14.15 11.22
N GLU B 63 -25.16 -15.46 11.04
CA GLU B 63 -25.49 -16.36 12.15
C GLU B 63 -24.41 -17.40 12.42
N LEU B 64 -23.97 -17.46 13.66
CA LEU B 64 -23.03 -18.49 14.11
C LEU B 64 -23.72 -19.42 15.09
N GLU B 65 -23.52 -20.71 14.93
CA GLU B 65 -23.94 -21.65 15.96
C GLU B 65 -22.82 -21.78 16.98
N GLN B 66 -23.13 -21.44 18.22
CA GLN B 66 -22.13 -21.29 19.27
C GLN B 66 -21.27 -22.54 19.52
N GLU B 67 -21.92 -23.69 19.60
CA GLU B 67 -21.22 -24.96 19.88
C GLU B 67 -20.03 -25.22 18.97
N ASN B 68 -20.01 -24.54 17.82
CA ASN B 68 -19.04 -24.79 16.77
C ASN B 68 -17.78 -23.93 16.87
N PHE B 69 -17.75 -23.02 17.85
CA PHE B 69 -16.60 -22.15 18.01
C PHE B 69 -16.06 -22.18 19.44
N PHE B 70 -16.97 -22.24 20.40
CA PHE B 70 -16.60 -22.11 21.80
C PHE B 70 -16.56 -23.45 22.53
N ASN B 71 -15.56 -23.64 23.38
CA ASN B 71 -15.50 -24.80 24.25
C ASN B 71 -16.13 -24.49 25.59
N GLU B 72 -16.26 -23.20 25.87
CA GLU B 72 -17.02 -22.71 27.02
C GLU B 72 -17.94 -21.59 26.56
N PHE B 73 -19.19 -21.62 27.01
CA PHE B 73 -20.16 -20.62 26.62
C PHE B 73 -21.31 -20.58 27.61
N GLN B 74 -21.60 -19.38 28.12
CA GLN B 74 -22.64 -19.22 29.12
C GLN B 74 -23.22 -17.81 29.07
N MET B 75 -24.54 -17.73 29.03
CA MET B 75 -25.21 -16.43 29.00
C MET B 75 -26.56 -16.49 29.69
N GLU B 76 -27.08 -15.32 30.05
CA GLU B 76 -28.46 -15.20 30.48
C GLU B 76 -28.93 -13.77 30.24
N GLY B 77 -30.16 -13.62 29.74
CA GLY B 77 -30.72 -12.31 29.48
C GLY B 77 -31.26 -11.70 30.76
N VAL B 78 -32.02 -10.63 30.62
CA VAL B 78 -32.64 -9.99 31.78
C VAL B 78 -33.73 -10.90 32.35
N SER B 79 -34.45 -11.58 31.47
CA SER B 79 -35.50 -12.50 31.89
C SER B 79 -35.36 -13.85 31.19
N ALA B 80 -36.02 -14.87 31.75
CA ALA B 80 -35.96 -16.21 31.19
C ALA B 80 -36.84 -16.32 29.94
N GLU B 81 -37.92 -15.56 29.91
CA GLU B 81 -38.83 -15.55 28.76
C GLU B 81 -38.14 -14.95 27.54
N ASN B 82 -37.42 -13.86 27.76
CA ASN B 82 -36.66 -13.21 26.70
C ASN B 82 -35.16 -13.38 26.94
N ASN B 83 -34.69 -14.61 26.81
CA ASN B 83 -33.30 -14.93 27.09
C ASN B 83 -32.37 -14.53 25.95
N GLU B 84 -32.26 -13.22 25.73
CA GLU B 84 -31.40 -12.69 24.67
C GLU B 84 -30.60 -11.49 25.15
N ILE B 85 -29.52 -11.18 24.45
CA ILE B 85 -28.75 -9.97 24.70
C ILE B 85 -28.41 -9.30 23.37
N TYR B 86 -28.77 -8.02 23.25
CA TYR B 86 -28.47 -7.26 22.05
C TYR B 86 -27.46 -6.16 22.33
N LEU B 87 -26.31 -6.22 21.67
CA LEU B 87 -25.22 -5.29 21.90
C LEU B 87 -24.83 -4.54 20.64
N GLU B 88 -24.80 -3.22 20.71
CA GLU B 88 -24.29 -2.42 19.61
C GLU B 88 -22.84 -2.04 19.87
N LEU B 89 -21.99 -2.24 18.87
CA LEU B 89 -20.57 -1.91 19.00
C LEU B 89 -19.99 -1.45 17.67
N THR B 90 -18.81 -0.84 17.73
CA THR B 90 -18.10 -0.44 16.52
C THR B 90 -17.32 -1.63 15.97
N SER B 91 -17.61 -1.99 14.71
CA SER B 91 -17.06 -3.18 14.09
C SER B 91 -15.54 -3.23 14.09
N GLU B 92 -14.92 -2.06 13.86
CA GLU B 92 -13.46 -1.97 13.83
C GLU B 92 -12.85 -2.42 15.15
N ASN B 93 -13.50 -2.05 16.26
CA ASN B 93 -13.03 -2.40 17.59
C ASN B 93 -12.93 -3.91 17.78
N LEU B 94 -13.97 -4.64 17.34
CA LEU B 94 -13.98 -6.08 17.45
C LEU B 94 -12.93 -6.70 16.53
N SER B 95 -12.82 -6.14 15.33
CA SER B 95 -11.85 -6.63 14.35
C SER B 95 -10.42 -6.46 14.86
N ARG B 96 -10.12 -5.27 15.38
CA ARG B 96 -8.79 -4.97 15.91
C ARG B 96 -8.47 -5.89 17.08
N ALA B 97 -9.44 -6.05 17.97
CA ALA B 97 -9.29 -6.91 19.14
C ALA B 97 -9.05 -8.36 18.75
N LEU B 98 -9.74 -8.83 17.72
CA LEU B 98 -9.66 -10.22 17.31
C LEU B 98 -8.49 -10.48 16.36
N LYS B 99 -7.84 -9.41 15.89
CA LYS B 99 -6.64 -9.56 15.07
C LYS B 99 -5.52 -10.11 15.94
N THR B 100 -5.57 -9.79 17.23
CA THR B 100 -4.64 -10.35 18.19
C THR B 100 -4.94 -11.83 18.40
N ALA B 101 -6.23 -12.17 18.31
CA ALA B 101 -6.68 -13.53 18.55
C ALA B 101 -6.23 -14.50 17.48
N GLN B 102 -5.85 -13.99 16.31
CA GLN B 102 -5.38 -14.85 15.23
C GLN B 102 -4.06 -15.52 15.62
N ASN B 103 -4.03 -16.85 15.47
CA ASN B 103 -2.88 -17.66 15.84
C ASN B 103 -2.52 -17.53 17.32
N ALA B 104 -3.49 -17.12 18.13
CA ALA B 104 -3.29 -17.05 19.58
C ALA B 104 -3.49 -18.42 20.20
N ARG B 105 -3.27 -18.51 21.51
CA ARG B 105 -3.41 -19.78 22.22
C ARG B 105 -4.85 -20.01 22.66
N ALA B 106 -5.42 -19.01 23.32
CA ALA B 106 -6.79 -19.10 23.79
C ALA B 106 -7.45 -17.73 23.78
N LEU B 107 -8.77 -17.72 23.61
CA LEU B 107 -9.53 -16.48 23.60
C LEU B 107 -10.66 -16.52 24.62
N LYS B 108 -10.73 -15.48 25.46
CA LYS B 108 -11.85 -15.33 26.37
C LYS B 108 -12.61 -14.05 26.05
N ILE B 109 -13.94 -14.13 26.11
CA ILE B 109 -14.77 -12.97 25.90
C ILE B 109 -15.82 -12.89 27.00
N LYS B 110 -16.02 -11.69 27.55
CA LYS B 110 -16.87 -11.52 28.71
C LYS B 110 -17.54 -10.15 28.74
N LEU B 111 -18.81 -10.13 29.14
CA LEU B 111 -19.54 -8.89 29.33
C LEU B 111 -19.18 -8.26 30.67
N THR B 112 -18.58 -7.07 30.62
CA THR B 112 -18.11 -6.40 31.84
C THR B 112 -18.64 -4.98 31.96
N ASN B 113 -18.44 -4.39 33.14
CA ASN B 113 -18.87 -3.02 33.40
C ASN B 113 -17.92 -2.33 34.37
N LYS B 114 -16.65 -2.26 33.99
CA LYS B 114 -15.63 -1.62 34.81
C LYS B 114 -15.89 -0.12 34.93
N HIS B 115 -15.59 0.61 33.85
CA HIS B 115 -15.90 2.03 33.79
C HIS B 115 -17.26 2.23 33.14
N PHE B 116 -17.54 1.39 32.15
CA PHE B 116 -18.82 1.40 31.43
C PHE B 116 -19.00 0.05 30.75
N PRO B 117 -20.25 -0.32 30.43
CA PRO B 117 -20.53 -1.63 29.81
C PRO B 117 -19.64 -1.92 28.60
N CYS B 118 -18.89 -3.00 28.68
CA CYS B 118 -17.96 -3.37 27.63
C CYS B 118 -18.08 -4.85 27.27
N LEU B 119 -17.69 -5.17 26.03
CA LEU B 119 -17.47 -6.55 25.64
C LEU B 119 -15.97 -6.81 25.73
N THR B 120 -15.53 -7.41 26.84
CA THR B 120 -14.11 -7.56 27.11
C THR B 120 -13.53 -8.79 26.43
N VAL B 121 -12.56 -8.57 25.55
CA VAL B 121 -11.87 -9.64 24.84
C VAL B 121 -10.49 -9.87 25.45
N SER B 122 -10.32 -11.01 26.11
CA SER B 122 -9.02 -11.38 26.66
C SER B 122 -8.34 -12.40 25.76
N VAL B 123 -7.14 -12.07 25.30
CA VAL B 123 -6.41 -12.96 24.40
C VAL B 123 -5.13 -13.45 25.05
N GLU B 124 -4.94 -14.76 25.06
CA GLU B 124 -3.76 -15.38 25.64
C GLU B 124 -2.71 -15.64 24.57
N LEU B 125 -1.67 -14.82 24.54
CA LEU B 125 -0.55 -15.03 23.63
C LEU B 125 0.54 -15.82 24.34
N LEU B 126 1.31 -16.59 23.57
CA LEU B 126 2.35 -17.42 24.15
C LEU B 126 3.73 -16.79 23.97
N SER B 127 4.49 -16.71 25.06
CA SER B 127 5.79 -16.06 25.08
C SER B 127 6.75 -16.65 24.05
N SER B 132 3.84 -16.30 29.78
CA SER B 132 2.63 -16.07 28.99
C SER B 132 2.28 -14.58 28.93
N ARG B 133 1.64 -14.17 27.84
CA ARG B 133 1.26 -12.79 27.65
C ARG B 133 -0.24 -12.66 27.43
N ILE B 134 -0.85 -11.72 28.15
CA ILE B 134 -2.30 -11.51 28.05
C ILE B 134 -2.63 -10.14 27.50
N VAL B 135 -3.39 -10.12 26.41
CA VAL B 135 -3.89 -8.88 25.85
C VAL B 135 -5.38 -8.73 26.15
N THR B 136 -5.75 -7.60 26.75
CA THR B 136 -7.15 -7.37 27.10
C THR B 136 -7.72 -6.17 26.33
N HIS B 137 -8.75 -6.43 25.53
CA HIS B 137 -9.44 -5.36 24.82
C HIS B 137 -10.81 -5.12 25.42
N ASP B 138 -11.06 -3.90 25.86
CA ASP B 138 -12.37 -3.53 26.38
C ASP B 138 -13.18 -2.81 25.31
N ILE B 139 -14.00 -3.59 24.60
CA ILE B 139 -14.83 -3.05 23.53
C ILE B 139 -16.09 -2.40 24.07
N PRO B 140 -16.20 -1.08 23.94
CA PRO B 140 -17.39 -0.36 24.41
C PRO B 140 -18.65 -0.82 23.68
N ILE B 141 -19.71 -1.14 24.42
CA ILE B 141 -20.94 -1.61 23.82
C ILE B 141 -22.15 -0.82 24.28
N LYS B 142 -23.15 -0.75 23.42
CA LYS B 142 -24.43 -0.12 23.75
C LYS B 142 -25.49 -1.19 23.90
N VAL B 143 -26.01 -1.36 25.12
CA VAL B 143 -27.03 -2.36 25.38
C VAL B 143 -28.37 -1.92 24.82
N ILE B 144 -28.91 -2.68 23.88
CA ILE B 144 -30.18 -2.35 23.24
C ILE B 144 -31.35 -2.81 24.10
N PRO B 145 -32.26 -1.89 24.43
CA PRO B 145 -33.46 -2.20 25.22
C PRO B 145 -34.38 -3.18 24.50
N ARG B 146 -35.17 -3.94 25.25
CA ARG B 146 -36.05 -4.96 24.66
C ARG B 146 -37.07 -4.36 23.71
N LYS B 147 -37.43 -3.10 23.95
CA LYS B 147 -38.41 -2.40 23.12
C LYS B 147 -37.98 -2.38 21.65
N LEU B 148 -36.67 -2.33 21.43
CA LEU B 148 -36.13 -2.17 20.08
C LEU B 148 -35.73 -3.49 19.43
N TRP B 149 -35.95 -4.60 20.12
CA TRP B 149 -35.58 -5.91 19.60
C TRP B 149 -36.36 -6.27 18.34
N LYS B 150 -37.55 -5.69 18.20
CA LYS B 150 -38.39 -5.93 17.05
C LYS B 150 -37.74 -5.45 15.76
N ASP B 151 -36.87 -4.45 15.87
CA ASP B 151 -36.19 -3.87 14.72
C ASP B 151 -34.88 -4.60 14.44
N LEU B 152 -34.63 -5.68 15.18
CA LEU B 152 -33.38 -6.41 15.05
C LEU B 152 -33.61 -7.91 14.86
N GLN B 153 -34.75 -8.26 14.26
CA GLN B 153 -35.10 -9.65 14.03
C GLN B 153 -34.62 -10.12 12.66
N GLU B 154 -34.78 -11.42 12.40
CA GLU B 154 -34.47 -11.97 11.08
C GLU B 154 -35.28 -11.26 10.01
N PRO B 155 -34.62 -10.84 8.93
CA PRO B 155 -35.31 -10.16 7.83
C PRO B 155 -36.29 -11.09 7.12
N VAL B 156 -37.47 -10.57 6.77
CA VAL B 156 -38.43 -11.34 5.99
C VAL B 156 -37.90 -11.51 4.57
N VAL B 157 -37.71 -12.77 4.17
CA VAL B 157 -37.13 -13.07 2.87
C VAL B 157 -38.22 -13.20 1.80
N PRO B 158 -38.30 -12.23 0.88
CA PRO B 158 -39.32 -12.28 -0.18
C PRO B 158 -39.02 -13.37 -1.20
N ASP B 159 -40.06 -13.89 -1.84
CA ASP B 159 -39.88 -14.91 -2.87
C ASP B 159 -39.17 -14.30 -4.08
N PRO B 160 -37.96 -14.81 -4.37
CA PRO B 160 -37.18 -14.27 -5.49
C PRO B 160 -37.77 -14.68 -6.84
N ASP B 161 -37.66 -13.79 -7.82
CA ASP B 161 -38.09 -14.12 -9.17
C ASP B 161 -37.13 -15.12 -9.79
N VAL B 162 -35.84 -14.98 -9.46
CA VAL B 162 -34.82 -15.89 -9.93
C VAL B 162 -33.82 -16.21 -8.82
N SER B 163 -33.56 -17.49 -8.61
CA SER B 163 -32.52 -17.93 -7.70
C SER B 163 -31.44 -18.68 -8.47
N ILE B 164 -30.19 -18.26 -8.31
CA ILE B 164 -29.09 -18.83 -9.08
C ILE B 164 -27.83 -18.99 -8.23
N TYR B 165 -27.08 -20.07 -8.46
CA TYR B 165 -25.80 -20.27 -7.80
C TYR B 165 -24.80 -19.21 -8.28
N LEU B 166 -24.05 -18.65 -7.34
CA LEU B 166 -23.06 -17.63 -7.67
C LEU B 166 -21.83 -18.24 -8.32
N PRO B 167 -21.17 -17.47 -9.20
CA PRO B 167 -19.87 -17.88 -9.74
C PRO B 167 -18.77 -17.75 -8.69
N VAL B 168 -17.52 -17.89 -9.10
CA VAL B 168 -16.40 -17.70 -8.20
C VAL B 168 -16.38 -16.26 -7.71
N LEU B 169 -16.49 -16.07 -6.40
CA LEU B 169 -16.58 -14.73 -5.82
C LEU B 169 -15.34 -13.89 -6.10
N LYS B 170 -14.20 -14.53 -6.22
CA LYS B 170 -12.96 -13.84 -6.52
C LYS B 170 -12.98 -13.30 -7.94
N THR B 171 -13.66 -14.02 -8.83
CA THR B 171 -13.82 -13.58 -10.22
C THR B 171 -14.79 -12.40 -10.27
N MET B 172 -15.87 -12.50 -9.52
CA MET B 172 -16.85 -11.42 -9.43
C MET B 172 -16.23 -10.14 -8.89
N LYS B 173 -15.45 -10.27 -7.82
CA LYS B 173 -14.80 -9.14 -7.18
C LYS B 173 -13.89 -8.40 -8.16
N SER B 174 -13.08 -9.15 -8.89
CA SER B 174 -12.14 -8.56 -9.85
C SER B 174 -12.87 -7.78 -10.94
N VAL B 175 -13.95 -8.36 -11.45
CA VAL B 175 -14.73 -7.72 -12.49
C VAL B 175 -15.44 -6.47 -11.96
N VAL B 176 -16.07 -6.60 -10.80
CA VAL B 176 -16.83 -5.51 -10.20
C VAL B 176 -15.96 -4.31 -9.86
N GLU B 177 -14.81 -4.56 -9.23
CA GLU B 177 -13.94 -3.48 -8.77
C GLU B 177 -13.34 -2.70 -9.95
N LYS B 178 -13.17 -3.38 -11.08
CA LYS B 178 -12.70 -2.72 -12.29
C LYS B 178 -13.84 -1.96 -12.95
N MET B 179 -15.05 -2.50 -12.82
CA MET B 179 -16.24 -1.84 -13.33
C MET B 179 -16.54 -0.58 -12.50
N LYS B 180 -16.14 -0.61 -11.24
CA LYS B 180 -16.32 0.54 -10.35
C LYS B 180 -15.53 1.75 -10.85
N ASN B 181 -14.39 1.48 -11.48
CA ASN B 181 -13.55 2.54 -12.04
C ASN B 181 -14.25 3.27 -13.19
N ILE B 182 -15.25 2.62 -13.78
CA ILE B 182 -15.95 3.16 -14.92
C ILE B 182 -17.28 3.82 -14.54
N SER B 183 -18.09 3.09 -13.79
CA SER B 183 -19.39 3.61 -13.35
C SER B 183 -19.70 3.19 -11.92
N ASN B 184 -20.71 3.83 -11.33
CA ASN B 184 -21.14 3.50 -9.99
C ASN B 184 -22.49 2.81 -9.97
N HIS B 185 -23.10 2.72 -11.16
CA HIS B 185 -24.40 2.06 -11.30
C HIS B 185 -24.23 0.73 -12.01
N LEU B 186 -24.60 -0.35 -11.31
CA LEU B 186 -24.44 -1.69 -11.85
C LEU B 186 -25.77 -2.43 -11.96
N VAL B 187 -26.00 -3.04 -13.12
CA VAL B 187 -27.14 -3.91 -13.30
C VAL B 187 -26.70 -5.36 -13.18
N ILE B 188 -27.33 -6.09 -12.25
CA ILE B 188 -27.07 -7.52 -12.13
C ILE B 188 -28.33 -8.29 -12.52
N GLU B 189 -28.18 -9.24 -13.43
CA GLU B 189 -29.32 -9.98 -13.94
C GLU B 189 -29.02 -11.47 -14.01
N ALA B 190 -30.06 -12.29 -13.91
CA ALA B 190 -29.91 -13.73 -13.97
C ALA B 190 -31.20 -14.41 -14.41
N ASN B 191 -31.08 -15.64 -14.90
CA ASN B 191 -32.25 -16.43 -15.26
C ASN B 191 -32.19 -17.82 -14.63
N LEU B 192 -33.18 -18.65 -14.96
CA LEU B 192 -33.23 -20.01 -14.44
C LEU B 192 -32.48 -20.97 -15.35
N ASP B 193 -31.66 -20.43 -16.23
CA ASP B 193 -30.86 -21.23 -17.15
C ASP B 193 -29.37 -21.08 -16.86
N GLY B 194 -29.04 -20.87 -15.59
CA GLY B 194 -27.66 -20.82 -15.15
C GLY B 194 -26.84 -19.67 -15.70
N GLU B 195 -27.51 -18.59 -16.09
CA GLU B 195 -26.80 -17.43 -16.63
C GLU B 195 -26.94 -16.22 -15.72
N LEU B 196 -25.83 -15.49 -15.53
CA LEU B 196 -25.84 -14.24 -14.76
C LEU B 196 -24.95 -13.22 -15.45
N ASN B 197 -25.47 -12.02 -15.65
CA ASN B 197 -24.70 -10.95 -16.27
C ASN B 197 -24.47 -9.77 -15.32
N LEU B 198 -23.30 -9.16 -15.42
CA LEU B 198 -23.00 -7.92 -14.73
C LEU B 198 -22.86 -6.80 -15.77
N LYS B 199 -23.71 -5.79 -15.69
CA LYS B 199 -23.74 -4.75 -16.71
C LYS B 199 -23.57 -3.34 -16.15
N ILE B 200 -22.61 -2.62 -16.70
CA ILE B 200 -22.51 -1.17 -16.49
C ILE B 200 -22.62 -0.50 -17.84
N GLU B 201 -23.16 0.72 -17.85
CA GLU B 201 -23.42 1.41 -19.10
C GLU B 201 -23.37 2.92 -18.94
N THR B 202 -22.41 3.55 -19.63
CA THR B 202 -22.28 4.98 -19.62
C THR B 202 -22.38 5.51 -21.06
N GLU B 203 -22.24 6.82 -21.22
CA GLU B 203 -22.34 7.42 -22.54
C GLU B 203 -21.13 7.09 -23.41
N LEU B 204 -20.03 6.73 -22.76
CA LEU B 204 -18.78 6.46 -23.45
C LEU B 204 -18.53 4.97 -23.67
N VAL B 205 -18.95 4.15 -22.71
CA VAL B 205 -18.61 2.73 -22.73
C VAL B 205 -19.67 1.82 -22.09
N CYS B 206 -19.94 0.70 -22.75
CA CYS B 206 -20.79 -0.35 -22.18
C CYS B 206 -19.96 -1.58 -21.88
N VAL B 207 -20.12 -2.13 -20.67
CA VAL B 207 -19.39 -3.35 -20.29
C VAL B 207 -20.35 -4.40 -19.75
N THR B 208 -20.31 -5.59 -20.34
CA THR B 208 -21.15 -6.70 -19.91
C THR B 208 -20.31 -7.96 -19.71
N THR B 209 -20.37 -8.51 -18.50
CA THR B 209 -19.67 -9.75 -18.19
C THR B 209 -20.65 -10.92 -18.11
N HIS B 210 -20.40 -11.95 -18.90
CA HIS B 210 -21.32 -13.09 -19.01
C HIS B 210 -20.85 -14.31 -18.25
N PHE B 211 -21.62 -14.70 -17.23
CA PHE B 211 -21.41 -15.96 -16.53
C PHE B 211 -22.44 -16.98 -17.00
N LYS B 212 -22.00 -18.21 -17.22
CA LYS B 212 -22.92 -19.26 -17.65
C LYS B 212 -22.61 -20.59 -16.98
N ASP B 213 -23.51 -21.55 -17.15
CA ASP B 213 -23.39 -22.88 -16.55
C ASP B 213 -23.29 -22.83 -15.03
N LEU B 214 -23.89 -21.79 -14.44
CA LEU B 214 -23.85 -21.60 -13.00
C LEU B 214 -24.77 -22.58 -12.29
N GLY B 215 -25.86 -22.95 -12.94
CA GLY B 215 -26.84 -23.84 -12.35
C GLY B 215 -27.83 -23.08 -11.48
N ASN B 216 -28.98 -23.70 -11.24
CA ASN B 216 -30.00 -23.09 -10.39
C ASN B 216 -30.57 -24.10 -9.40
N PRO B 217 -30.84 -23.65 -8.16
CA PRO B 217 -31.54 -24.51 -7.21
C PRO B 217 -32.98 -24.74 -7.64
N PRO B 218 -33.51 -25.95 -7.38
CA PRO B 218 -34.84 -26.33 -7.85
C PRO B 218 -35.97 -25.58 -7.14
N LEU B 219 -37.19 -25.72 -7.66
CA LEU B 219 -38.38 -25.07 -7.11
C LEU B 219 -38.20 -23.56 -7.00
N GLU B 226 -48.16 -20.98 -13.05
CA GLU B 226 -47.63 -19.65 -13.36
C GLU B 226 -46.11 -19.63 -13.33
N ASP B 227 -45.50 -20.62 -13.97
CA ASP B 227 -44.05 -20.69 -14.07
C ASP B 227 -43.55 -19.89 -15.26
N ARG B 228 -42.34 -19.35 -15.13
CA ARG B 228 -41.79 -18.43 -16.13
C ARG B 228 -40.88 -19.13 -17.12
N ASN B 229 -40.58 -18.45 -18.23
CA ASN B 229 -39.62 -18.95 -19.20
C ASN B 229 -38.24 -19.05 -18.55
N VAL B 230 -37.56 -20.16 -18.79
CA VAL B 230 -36.26 -20.44 -18.20
C VAL B 230 -35.22 -19.41 -18.65
N GLU B 231 -35.44 -18.81 -19.81
CA GLU B 231 -34.50 -17.84 -20.35
C GLU B 231 -34.84 -16.41 -19.94
N HIS B 232 -36.00 -16.23 -19.32
CA HIS B 232 -36.45 -14.90 -18.89
C HIS B 232 -35.51 -14.33 -17.81
N MET B 233 -35.03 -13.12 -18.06
CA MET B 233 -34.02 -12.50 -17.21
C MET B 233 -34.62 -11.58 -16.16
N ALA B 234 -34.37 -11.88 -14.88
CA ALA B 234 -34.74 -10.98 -13.80
C ALA B 234 -33.55 -10.11 -13.43
N GLU B 235 -33.78 -8.83 -13.22
CA GLU B 235 -32.67 -7.89 -13.00
C GLU B 235 -32.95 -6.88 -11.90
N VAL B 236 -31.90 -6.16 -11.51
CA VAL B 236 -32.00 -5.11 -10.50
C VAL B 236 -30.82 -4.14 -10.59
N HIS B 237 -31.12 -2.85 -10.63
CA HIS B 237 -30.09 -1.81 -10.61
C HIS B 237 -29.64 -1.56 -9.18
N ILE B 238 -28.34 -1.68 -8.91
CA ILE B 238 -27.83 -1.47 -7.55
C ILE B 238 -26.60 -0.58 -7.51
N ASP B 239 -26.24 -0.16 -6.31
CA ASP B 239 -25.00 0.59 -6.09
C ASP B 239 -23.83 -0.38 -6.09
N ILE B 240 -22.95 -0.25 -7.08
CA ILE B 240 -21.88 -1.21 -7.30
C ILE B 240 -20.90 -1.27 -6.12
N ARG B 241 -20.83 -0.18 -5.36
CA ARG B 241 -19.91 -0.11 -4.22
C ARG B 241 -20.37 -1.03 -3.10
N LYS B 242 -21.68 -1.24 -3.01
CA LYS B 242 -22.25 -2.10 -1.99
C LYS B 242 -22.07 -3.57 -2.35
N LEU B 243 -22.09 -3.87 -3.65
CA LEU B 243 -21.79 -5.23 -4.09
C LEU B 243 -20.32 -5.52 -3.88
N LEU B 244 -19.47 -4.55 -4.21
CA LEU B 244 -18.03 -4.68 -4.04
C LEU B 244 -17.69 -4.84 -2.56
N GLN B 245 -18.40 -4.10 -1.71
CA GLN B 245 -18.27 -4.22 -0.26
C GLN B 245 -18.45 -5.66 0.19
N PHE B 246 -19.50 -6.28 -0.31
CA PHE B 246 -19.86 -7.65 0.06
C PHE B 246 -18.87 -8.68 -0.48
N LEU B 247 -18.42 -8.46 -1.70
CA LEU B 247 -17.49 -9.39 -2.34
C LEU B 247 -16.09 -9.31 -1.73
N ALA B 248 -15.67 -8.09 -1.39
CA ALA B 248 -14.36 -7.88 -0.78
C ALA B 248 -14.30 -8.54 0.60
N GLY B 249 -15.44 -8.58 1.28
CA GLY B 249 -15.53 -9.19 2.59
C GLY B 249 -15.48 -10.70 2.53
N GLN B 250 -15.54 -11.25 1.33
CA GLN B 250 -15.48 -12.69 1.14
C GLN B 250 -14.09 -13.13 0.72
N GLN B 251 -13.18 -13.22 1.69
CA GLN B 251 -11.81 -13.65 1.42
C GLN B 251 -11.76 -15.10 0.97
N VAL B 252 -12.71 -15.89 1.46
CA VAL B 252 -12.80 -17.31 1.08
C VAL B 252 -14.08 -17.60 0.32
N ASN B 253 -13.98 -18.46 -0.69
CA ASN B 253 -15.14 -18.88 -1.46
C ASN B 253 -15.95 -19.92 -0.68
N PRO B 254 -17.25 -19.65 -0.51
CA PRO B 254 -18.13 -20.44 0.38
C PRO B 254 -18.58 -21.78 -0.16
N THR B 255 -19.06 -22.64 0.74
CA THR B 255 -19.62 -23.93 0.37
C THR B 255 -20.97 -23.77 -0.31
N LYS B 256 -21.60 -22.62 -0.06
CA LYS B 256 -22.90 -22.32 -0.64
C LYS B 256 -23.01 -20.83 -0.94
N ALA B 257 -23.27 -20.50 -2.21
CA ALA B 257 -23.39 -19.10 -2.62
C ALA B 257 -24.59 -18.90 -3.53
N LEU B 258 -25.71 -18.47 -2.95
CA LEU B 258 -26.94 -18.26 -3.71
C LEU B 258 -27.18 -16.78 -3.99
N CYS B 259 -27.58 -16.48 -5.21
CA CYS B 259 -27.97 -15.12 -5.59
C CYS B 259 -29.47 -15.07 -5.89
N ASN B 260 -30.21 -14.42 -5.01
CA ASN B 260 -31.65 -14.29 -5.17
C ASN B 260 -32.03 -12.88 -5.64
N ILE B 261 -32.67 -12.81 -6.79
CA ILE B 261 -33.07 -11.52 -7.35
C ILE B 261 -34.58 -11.33 -7.35
N VAL B 262 -35.03 -10.27 -6.70
CA VAL B 262 -36.41 -9.81 -6.84
C VAL B 262 -36.40 -8.66 -7.83
N ASN B 263 -37.02 -8.88 -8.98
CA ASN B 263 -36.92 -7.97 -10.13
C ASN B 263 -37.18 -6.50 -9.78
N ASN B 264 -36.17 -5.67 -10.04
CA ASN B 264 -36.23 -4.22 -9.80
C ASN B 264 -36.58 -3.85 -8.37
N LYS B 265 -36.26 -4.72 -7.42
CA LYS B 265 -36.50 -4.43 -6.01
C LYS B 265 -35.27 -4.66 -5.16
N MET B 266 -34.67 -5.84 -5.29
CA MET B 266 -33.59 -6.24 -4.39
C MET B 266 -32.83 -7.47 -4.87
N VAL B 267 -31.54 -7.52 -4.56
CA VAL B 267 -30.77 -8.74 -4.71
C VAL B 267 -30.42 -9.30 -3.34
N HIS B 268 -30.66 -10.59 -3.15
CA HIS B 268 -30.41 -11.24 -1.88
C HIS B 268 -29.32 -12.30 -2.02
N PHE B 269 -28.25 -12.15 -1.24
CA PHE B 269 -27.18 -13.12 -1.25
C PHE B 269 -27.28 -14.04 -0.04
N ASP B 270 -27.44 -15.33 -0.32
CA ASP B 270 -27.55 -16.35 0.73
C ASP B 270 -26.28 -17.19 0.73
N LEU B 271 -25.39 -16.92 1.68
CA LEU B 271 -24.12 -17.61 1.76
C LEU B 271 -24.03 -18.53 2.97
N LEU B 272 -23.39 -19.67 2.79
CA LEU B 272 -23.12 -20.59 3.88
C LEU B 272 -21.71 -21.15 3.77
N HIS B 273 -20.81 -20.68 4.62
CA HIS B 273 -19.43 -21.13 4.61
C HIS B 273 -19.06 -21.73 5.96
N GLU B 274 -18.70 -23.02 5.94
CA GLU B 274 -18.46 -23.78 7.15
C GLU B 274 -19.69 -23.73 8.06
N ASP B 275 -19.57 -23.05 9.20
CA ASP B 275 -20.64 -22.99 10.18
C ASP B 275 -21.51 -21.75 9.95
N VAL B 276 -20.93 -20.75 9.31
CA VAL B 276 -21.50 -19.42 9.29
C VAL B 276 -22.45 -19.16 8.14
N SER B 277 -23.64 -18.70 8.47
CA SER B 277 -24.61 -18.24 7.48
C SER B 277 -24.51 -16.73 7.32
N LEU B 278 -24.53 -16.26 6.08
CA LEU B 278 -24.50 -14.83 5.82
C LEU B 278 -25.59 -14.41 4.84
N GLN B 279 -26.54 -13.63 5.33
CA GLN B 279 -27.58 -13.06 4.48
C GLN B 279 -27.29 -11.58 4.23
N TYR B 280 -27.16 -11.21 2.97
CA TYR B 280 -26.86 -9.84 2.60
C TYR B 280 -27.89 -9.32 1.60
N PHE B 281 -28.45 -8.14 1.88
CA PHE B 281 -29.52 -7.59 1.06
C PHE B 281 -29.13 -6.24 0.48
N ILE B 282 -29.19 -6.13 -0.84
CA ILE B 282 -28.90 -4.86 -1.53
C ILE B 282 -30.13 -4.37 -2.28
N PRO B 283 -30.68 -3.22 -1.87
CA PRO B 283 -31.91 -2.68 -2.46
C PRO B 283 -31.70 -2.15 -3.87
N ALA B 284 -32.77 -2.08 -4.64
CA ALA B 284 -32.71 -1.48 -5.97
C ALA B 284 -32.37 -0.01 -5.86
N LEU B 285 -31.55 0.49 -6.78
CA LEU B 285 -31.13 1.88 -6.75
C LEU B 285 -32.24 2.78 -7.29
N SER B 286 -32.98 2.25 -8.28
CA SER B 286 -34.15 2.94 -8.83
C SER B 286 -34.92 1.99 -9.77
N GLN C 14 -15.07 -6.90 -43.37
CA GLN C 14 -15.94 -5.86 -42.85
C GLN C 14 -15.21 -5.00 -41.81
N TYR C 15 -14.69 -5.65 -40.77
CA TYR C 15 -13.94 -4.97 -39.73
C TYR C 15 -12.62 -4.42 -40.26
N SER C 16 -12.37 -3.13 -40.00
CA SER C 16 -11.12 -2.51 -40.40
C SER C 16 -9.94 -3.14 -39.67
N LEU C 17 -10.12 -3.38 -38.37
CA LEU C 17 -9.07 -3.96 -37.55
C LEU C 17 -9.57 -5.16 -36.77
N VAL C 18 -8.85 -6.27 -36.87
CA VAL C 18 -9.13 -7.46 -36.07
C VAL C 18 -7.85 -7.99 -35.44
N ALA C 19 -7.77 -7.89 -34.11
CA ALA C 19 -6.60 -8.36 -33.39
C ALA C 19 -7.00 -9.36 -32.31
N SER C 20 -6.21 -10.40 -32.13
CA SER C 20 -6.49 -11.42 -31.12
C SER C 20 -5.25 -11.80 -30.33
N LEU C 21 -5.43 -12.04 -29.04
CA LEU C 21 -4.34 -12.43 -28.16
C LEU C 21 -4.74 -13.57 -27.24
N ASP C 22 -3.89 -14.58 -27.12
CA ASP C 22 -4.09 -15.63 -26.13
C ASP C 22 -3.82 -15.06 -24.75
N ASN C 23 -3.00 -14.02 -24.70
CA ASN C 23 -2.68 -13.33 -23.47
C ASN C 23 -2.90 -11.83 -23.63
N VAL C 24 -3.89 -11.29 -22.93
CA VAL C 24 -4.23 -9.88 -23.04
C VAL C 24 -3.13 -8.99 -22.45
N ARG C 25 -2.35 -9.55 -21.53
CA ARG C 25 -1.30 -8.80 -20.87
C ARG C 25 -0.19 -8.37 -21.84
N ASN C 26 -0.10 -9.06 -22.97
CA ASN C 26 0.88 -8.68 -24.00
C ASN C 26 0.53 -7.36 -24.66
N LEU C 27 -0.67 -6.86 -24.39
CA LEU C 27 -1.09 -5.55 -24.88
C LEU C 27 -1.26 -4.56 -23.73
N SER C 28 -1.88 -5.01 -22.64
CA SER C 28 -2.20 -4.12 -21.53
C SER C 28 -0.95 -3.66 -20.78
N THR C 29 0.01 -4.56 -20.60
CA THR C 29 1.22 -4.25 -19.83
C THR C 29 2.02 -3.13 -20.48
N ILE C 30 2.20 -3.19 -21.80
CA ILE C 30 2.98 -2.19 -22.51
C ILE C 30 2.23 -0.85 -22.57
N LEU C 31 0.91 -0.92 -22.65
CA LEU C 31 0.09 0.30 -22.71
C LEU C 31 0.13 1.07 -21.40
N LYS C 32 0.27 0.35 -20.29
CA LYS C 32 0.36 0.98 -18.98
C LYS C 32 1.61 1.86 -18.86
N ALA C 33 2.62 1.54 -19.66
CA ALA C 33 3.90 2.24 -19.60
C ALA C 33 3.85 3.63 -20.25
N ILE C 34 2.74 3.95 -20.90
CA ILE C 34 2.57 5.27 -21.51
C ILE C 34 1.30 5.95 -21.03
N HIS C 35 0.72 5.41 -19.97
CA HIS C 35 -0.55 5.90 -19.45
C HIS C 35 -0.37 7.10 -18.50
N PHE C 36 -0.16 8.29 -19.07
CA PHE C 36 -0.07 9.49 -18.26
C PHE C 36 -1.04 10.56 -18.76
N ARG C 37 -1.91 10.17 -19.68
CA ARG C 37 -3.02 11.03 -20.12
C ARG C 37 -4.29 10.20 -20.24
N GLU C 38 -5.43 10.87 -20.21
CA GLU C 38 -6.72 10.20 -20.26
C GLU C 38 -6.99 9.58 -21.64
N HIS C 39 -6.49 10.24 -22.68
CA HIS C 39 -6.80 9.82 -24.04
C HIS C 39 -5.55 9.49 -24.85
N ALA C 40 -5.71 8.63 -25.85
CA ALA C 40 -4.61 8.19 -26.69
C ALA C 40 -5.05 7.95 -28.13
N THR C 41 -4.15 8.23 -29.07
CA THR C 41 -4.42 7.97 -30.48
C THR C 41 -3.82 6.62 -30.89
N CYS C 42 -4.63 5.81 -31.56
CA CYS C 42 -4.18 4.49 -32.00
C CYS C 42 -3.98 4.43 -33.50
N PHE C 43 -2.87 3.82 -33.92
CA PHE C 43 -2.59 3.63 -35.34
C PHE C 43 -2.39 2.15 -35.67
N ALA C 44 -3.23 1.64 -36.57
CA ALA C 44 -3.14 0.24 -36.96
C ALA C 44 -2.75 0.10 -38.43
N THR C 45 -1.53 -0.37 -38.66
CA THR C 45 -1.04 -0.65 -40.01
C THR C 45 -0.72 -2.13 -40.09
N LYS C 46 -0.05 -2.55 -41.16
CA LYS C 46 0.33 -3.95 -41.32
C LYS C 46 1.44 -4.35 -40.35
N ASN C 47 2.16 -3.36 -39.85
CA ASN C 47 3.23 -3.61 -38.89
C ASN C 47 2.68 -4.00 -37.53
N GLY C 48 1.58 -3.37 -37.15
CA GLY C 48 0.95 -3.62 -35.87
C GLY C 48 0.23 -2.38 -35.36
N ILE C 49 0.09 -2.29 -34.04
CA ILE C 49 -0.60 -1.17 -33.43
C ILE C 49 0.36 -0.21 -32.73
N LYS C 50 0.24 1.06 -33.06
CA LYS C 50 1.00 2.11 -32.38
C LYS C 50 0.06 3.02 -31.60
N VAL C 51 0.25 3.07 -30.29
CA VAL C 51 -0.56 3.92 -29.43
C VAL C 51 0.26 5.12 -28.97
N THR C 52 -0.31 6.31 -29.13
CA THR C 52 0.42 7.54 -28.87
C THR C 52 -0.24 8.40 -27.79
N VAL C 53 0.57 8.82 -26.82
CA VAL C 53 0.11 9.70 -25.75
C VAL C 53 0.99 10.95 -25.70
N GLU C 54 0.37 12.12 -25.70
CA GLU C 54 1.11 13.38 -25.71
C GLU C 54 0.68 14.30 -24.57
N ASN C 55 1.52 15.28 -24.26
CA ASN C 55 1.22 16.25 -23.22
C ASN C 55 2.02 17.54 -23.36
N ALA C 56 1.34 18.67 -23.24
CA ALA C 56 1.95 20.00 -23.25
C ALA C 56 2.76 20.28 -24.51
N LYS C 57 2.44 19.56 -25.60
CA LYS C 57 3.11 19.72 -26.89
C LYS C 57 4.63 19.65 -26.78
N CYS C 58 5.12 18.82 -25.86
CA CYS C 58 6.54 18.71 -25.62
C CYS C 58 6.97 17.26 -25.42
N VAL C 59 6.11 16.47 -24.79
CA VAL C 59 6.41 15.07 -24.53
C VAL C 59 5.43 14.17 -25.28
N GLN C 60 5.95 13.08 -25.85
CA GLN C 60 5.14 12.09 -26.54
C GLN C 60 5.63 10.69 -26.26
N ALA C 61 4.71 9.79 -25.92
CA ALA C 61 5.06 8.40 -25.69
C ALA C 61 4.38 7.51 -26.72
N ASN C 62 5.17 6.64 -27.35
CA ASN C 62 4.64 5.72 -28.35
C ASN C 62 4.86 4.27 -27.95
N ALA C 63 3.77 3.49 -27.96
CA ALA C 63 3.86 2.06 -27.69
C ALA C 63 3.68 1.27 -28.97
N PHE C 64 4.61 0.38 -29.25
CA PHE C 64 4.57 -0.41 -30.49
C PHE C 64 4.35 -1.89 -30.21
N ILE C 65 3.19 -2.38 -30.60
CA ILE C 65 2.90 -3.81 -30.51
C ILE C 65 2.79 -4.37 -31.93
N GLN C 66 3.85 -5.04 -32.39
CA GLN C 66 3.90 -5.52 -33.77
C GLN C 66 2.92 -6.65 -34.01
N ALA C 67 2.57 -6.85 -35.27
CA ALA C 67 1.60 -7.88 -35.67
C ALA C 67 2.02 -9.27 -35.23
N GLY C 68 3.32 -9.51 -35.18
CA GLY C 68 3.86 -10.81 -34.80
C GLY C 68 3.53 -11.22 -33.38
N ILE C 69 3.18 -10.23 -32.55
CA ILE C 69 2.79 -10.51 -31.17
C ILE C 69 1.42 -11.17 -31.12
N PHE C 70 0.51 -10.70 -31.96
CA PHE C 70 -0.85 -11.19 -31.98
C PHE C 70 -0.97 -12.58 -32.60
N GLN C 71 -1.88 -13.39 -32.05
CA GLN C 71 -2.18 -14.69 -32.64
C GLN C 71 -2.96 -14.50 -33.93
N GLU C 72 -3.61 -13.34 -34.03
CA GLU C 72 -4.31 -12.93 -35.24
C GLU C 72 -4.35 -11.41 -35.32
N PHE C 73 -3.92 -10.84 -36.44
CA PHE C 73 -3.89 -9.39 -36.62
C PHE C 73 -4.10 -9.03 -38.08
N LYS C 74 -5.33 -8.69 -38.46
CA LYS C 74 -5.66 -8.40 -39.85
C LYS C 74 -6.15 -6.95 -39.99
N VAL C 75 -5.56 -6.20 -40.92
CA VAL C 75 -5.98 -4.81 -41.14
C VAL C 75 -6.31 -4.56 -42.62
N GLN C 76 -7.43 -3.88 -42.90
CA GLN C 76 -7.91 -3.72 -44.27
C GLN C 76 -7.26 -2.54 -44.98
N GLU C 77 -7.70 -1.33 -44.65
CA GLU C 77 -7.09 -0.13 -45.21
C GLU C 77 -5.64 -0.06 -44.72
N GLU C 78 -4.82 0.74 -45.38
CA GLU C 78 -3.40 0.76 -45.05
C GLU C 78 -3.08 1.65 -43.86
N SER C 79 -4.11 2.27 -43.29
CA SER C 79 -3.98 2.96 -42.01
C SER C 79 -5.34 3.18 -41.36
N VAL C 80 -5.48 2.69 -40.13
CA VAL C 80 -6.68 2.93 -39.33
C VAL C 80 -6.31 3.72 -38.09
N THR C 81 -6.86 4.93 -37.96
CA THR C 81 -6.54 5.77 -36.82
C THR C 81 -7.80 6.21 -36.07
N PHE C 82 -7.84 5.91 -34.78
CA PHE C 82 -8.92 6.37 -33.92
C PHE C 82 -8.37 6.80 -32.57
N ARG C 83 -9.04 7.75 -31.94
CA ARG C 83 -8.67 8.16 -30.59
C ARG C 83 -9.59 7.48 -29.58
N ILE C 84 -9.09 7.24 -28.39
CA ILE C 84 -9.87 6.53 -27.38
C ILE C 84 -9.49 6.93 -25.96
N ASN C 85 -10.37 6.63 -25.01
CA ASN C 85 -10.06 6.81 -23.60
C ASN C 85 -9.15 5.68 -23.13
N LEU C 86 -7.88 6.00 -22.93
CA LEU C 86 -6.89 4.99 -22.56
C LEU C 86 -7.16 4.40 -21.19
N THR C 87 -7.69 5.22 -20.28
CA THR C 87 -8.01 4.77 -18.93
C THR C 87 -9.11 3.72 -18.96
N VAL C 88 -10.16 3.97 -19.74
CA VAL C 88 -11.26 3.03 -19.89
C VAL C 88 -10.79 1.77 -20.60
N LEU C 89 -9.97 1.93 -21.63
CA LEU C 89 -9.40 0.81 -22.37
C LEU C 89 -8.63 -0.12 -21.44
N LEU C 90 -7.78 0.46 -20.61
CA LEU C 90 -6.96 -0.31 -19.68
C LEU C 90 -7.79 -0.95 -18.57
N ASP C 91 -8.86 -0.28 -18.16
CA ASP C 91 -9.79 -0.85 -17.19
C ASP C 91 -10.46 -2.09 -17.77
N CYS C 92 -10.81 -2.01 -19.04
CA CYS C 92 -11.47 -3.11 -19.73
C CYS C 92 -10.52 -4.27 -19.99
N LEU C 93 -9.30 -3.96 -20.41
CA LEU C 93 -8.30 -4.98 -20.73
C LEU C 93 -7.91 -5.78 -19.49
N SER C 94 -8.04 -5.16 -18.32
CA SER C 94 -7.71 -5.81 -17.06
C SER C 94 -8.96 -6.09 -16.23
N ILE C 95 -10.08 -6.32 -16.91
CA ILE C 95 -11.36 -6.50 -16.25
C ILE C 95 -11.40 -7.74 -15.36
N PHE C 96 -10.55 -8.72 -15.67
CA PHE C 96 -10.54 -9.97 -14.91
C PHE C 96 -9.45 -9.99 -13.83
N GLY C 97 -8.91 -8.82 -13.50
CA GLY C 97 -7.90 -8.73 -12.46
C GLY C 97 -6.53 -8.38 -12.98
N SER C 98 -5.69 -7.82 -12.12
CA SER C 98 -4.36 -7.37 -12.52
C SER C 98 -3.25 -8.31 -12.04
N SER C 99 -3.64 -9.41 -11.39
CA SER C 99 -2.66 -10.39 -10.93
C SER C 99 -3.23 -11.81 -10.89
N PRO C 100 -3.31 -12.46 -12.05
CA PRO C 100 -3.79 -13.84 -12.14
C PRO C 100 -2.79 -14.84 -11.56
N GLY C 103 -0.76 -19.56 -14.84
CA GLY C 103 -1.22 -20.40 -15.92
C GLY C 103 -2.65 -20.10 -16.33
N THR C 104 -3.28 -19.17 -15.60
CA THR C 104 -4.65 -18.77 -15.87
C THR C 104 -4.67 -17.49 -16.71
N LEU C 105 -4.87 -17.64 -18.02
CA LEU C 105 -4.77 -16.53 -18.94
C LEU C 105 -6.12 -15.90 -19.28
N THR C 106 -6.07 -14.75 -19.95
CA THR C 106 -7.27 -14.06 -20.40
C THR C 106 -7.13 -13.68 -21.88
N ALA C 107 -7.91 -14.34 -22.73
CA ALA C 107 -7.84 -14.11 -24.16
C ALA C 107 -8.50 -12.79 -24.55
N LEU C 108 -8.01 -12.19 -25.63
CA LEU C 108 -8.55 -10.93 -26.12
C LEU C 108 -8.87 -11.01 -27.61
N ARG C 109 -10.02 -10.46 -28.00
CA ARG C 109 -10.33 -10.24 -29.40
C ARG C 109 -10.79 -8.81 -29.59
N MET C 110 -10.04 -8.06 -30.37
CA MET C 110 -10.27 -6.63 -30.54
C MET C 110 -10.80 -6.32 -31.95
N CYS C 111 -11.93 -5.63 -32.01
CA CYS C 111 -12.58 -5.34 -33.29
C CYS C 111 -12.97 -3.88 -33.44
N TYR C 112 -12.54 -3.27 -34.54
CA TYR C 112 -12.92 -1.90 -34.86
C TYR C 112 -13.43 -1.81 -36.29
N GLN C 113 -14.72 -1.51 -36.44
CA GLN C 113 -15.37 -1.51 -37.74
C GLN C 113 -14.85 -0.41 -38.65
N GLY C 114 -14.87 0.82 -38.15
CA GLY C 114 -14.43 1.97 -38.91
C GLY C 114 -14.84 3.25 -38.24
N TYR C 115 -14.72 4.36 -38.97
CA TYR C 115 -15.09 5.68 -38.45
C TYR C 115 -16.54 5.70 -37.97
N GLY C 116 -16.76 6.28 -36.80
CA GLY C 116 -18.09 6.42 -36.26
C GLY C 116 -18.59 5.19 -35.51
N TYR C 117 -17.73 4.17 -35.42
CA TYR C 117 -18.09 2.95 -34.72
C TYR C 117 -17.19 2.74 -33.51
N PRO C 118 -17.72 2.08 -32.46
CA PRO C 118 -16.94 1.89 -31.23
C PRO C 118 -15.91 0.77 -31.33
N LEU C 119 -14.88 0.84 -30.51
CA LEU C 119 -13.91 -0.25 -30.40
C LEU C 119 -14.55 -1.39 -29.61
N MET C 120 -14.49 -2.59 -30.19
CA MET C 120 -15.07 -3.76 -29.54
C MET C 120 -14.01 -4.64 -28.89
N LEU C 121 -14.24 -5.00 -27.64
CA LEU C 121 -13.31 -5.87 -26.91
C LEU C 121 -14.01 -7.12 -26.41
N PHE C 122 -13.47 -8.28 -26.76
CA PHE C 122 -13.99 -9.55 -26.28
C PHE C 122 -12.96 -10.26 -25.43
N LEU C 123 -13.11 -10.18 -24.11
CA LEU C 123 -12.17 -10.82 -23.20
C LEU C 123 -12.78 -12.04 -22.55
N GLU C 124 -12.02 -13.13 -22.51
CA GLU C 124 -12.51 -14.39 -21.98
C GLU C 124 -11.51 -15.03 -21.02
N GLU C 125 -12.00 -15.41 -19.85
CA GLU C 125 -11.18 -16.13 -18.86
C GLU C 125 -12.01 -17.19 -18.15
N GLY C 126 -11.60 -18.44 -18.29
CA GLY C 126 -12.27 -19.55 -17.63
C GLY C 126 -13.71 -19.74 -18.07
N GLY C 127 -13.99 -19.43 -19.34
CA GLY C 127 -15.33 -19.55 -19.88
C GLY C 127 -16.13 -18.28 -19.69
N VAL C 128 -15.78 -17.50 -18.67
CA VAL C 128 -16.43 -16.22 -18.42
C VAL C 128 -16.05 -15.23 -19.51
N VAL C 129 -17.06 -14.57 -20.07
CA VAL C 129 -16.83 -13.65 -21.18
C VAL C 129 -17.28 -12.23 -20.86
N THR C 130 -16.38 -11.27 -21.04
CA THR C 130 -16.72 -9.86 -20.88
C THR C 130 -16.69 -9.15 -22.23
N VAL C 131 -17.79 -8.49 -22.58
CA VAL C 131 -17.88 -7.77 -23.83
C VAL C 131 -17.86 -6.26 -23.58
N CYS C 132 -16.88 -5.59 -24.17
CA CYS C 132 -16.75 -4.14 -24.01
C CYS C 132 -16.98 -3.42 -25.33
N LYS C 133 -17.57 -2.23 -25.24
CA LYS C 133 -17.80 -1.41 -26.42
C LYS C 133 -17.47 0.04 -26.04
N ILE C 134 -16.34 0.51 -26.56
CA ILE C 134 -15.84 1.84 -26.21
C ILE C 134 -15.96 2.79 -27.40
N ASN C 135 -16.70 3.87 -27.20
CA ASN C 135 -16.87 4.86 -28.26
C ASN C 135 -15.57 5.60 -28.57
N THR C 136 -15.37 5.94 -29.84
CA THR C 136 -14.13 6.54 -30.28
C THR C 136 -14.33 7.99 -30.72
N GLN C 137 -13.36 8.85 -30.38
CA GLN C 137 -13.46 10.26 -30.70
C GLN C 137 -12.67 10.64 -31.94
N GLU C 138 -12.76 11.91 -32.32
CA GLU C 138 -12.03 12.45 -33.45
C GLU C 138 -10.55 12.51 -33.15
N PRO C 139 -9.73 11.80 -33.95
CA PRO C 139 -8.28 11.85 -33.75
C PRO C 139 -7.72 13.23 -34.09
N GLU C 140 -6.96 13.81 -33.17
CA GLU C 140 -6.34 15.10 -33.41
C GLU C 140 -4.91 14.89 -33.90
N GLU C 141 -4.32 15.93 -34.47
CA GLU C 141 -3.01 15.79 -35.11
C GLU C 141 -1.92 15.33 -34.14
N THR C 142 -1.35 14.17 -34.42
CA THR C 142 -0.23 13.66 -33.65
C THR C 142 1.02 14.48 -33.94
N LEU C 143 1.68 14.94 -32.87
CA LEU C 143 2.93 15.69 -33.01
C LEU C 143 3.98 14.88 -33.74
N ASP C 144 4.85 15.55 -34.48
CA ASP C 144 5.99 14.91 -35.10
C ASP C 144 7.27 15.59 -34.64
N PHE C 145 8.07 14.86 -33.86
CA PHE C 145 9.28 15.43 -33.29
C PHE C 145 10.44 15.40 -34.28
N ASP C 146 10.22 14.75 -35.42
CA ASP C 146 11.19 14.75 -36.51
C ASP C 146 12.56 14.28 -36.03
N PHE C 147 12.58 13.14 -35.36
CA PHE C 147 13.79 12.64 -34.74
C PHE C 147 14.47 11.57 -35.60
N CYS C 148 15.53 11.96 -36.29
CA CYS C 148 16.25 11.05 -37.16
C CYS C 148 17.60 10.65 -36.57
N SER C 149 17.98 9.39 -36.77
CA SER C 149 19.25 8.86 -36.26
C SER C 149 20.44 9.60 -36.85
N THR C 150 20.25 10.17 -38.04
CA THR C 150 21.31 10.88 -38.75
C THR C 150 21.60 12.24 -38.13
N ASN C 151 20.79 12.63 -37.14
CA ASN C 151 20.99 13.91 -36.45
C ASN C 151 21.27 13.72 -34.96
N VAL C 152 21.38 12.46 -34.54
CA VAL C 152 21.68 12.15 -33.15
C VAL C 152 23.12 12.48 -32.80
N ILE C 153 23.31 13.27 -31.75
CA ILE C 153 24.65 13.64 -31.31
C ILE C 153 25.23 12.60 -30.36
N ASN C 154 24.53 12.35 -29.26
CA ASN C 154 24.98 11.40 -28.26
C ASN C 154 24.01 10.24 -28.08
N LYS C 155 24.56 9.06 -27.82
CA LYS C 155 23.74 7.87 -27.64
C LYS C 155 24.33 6.93 -26.60
N ILE C 156 23.48 6.49 -25.68
CA ILE C 156 23.89 5.61 -24.60
C ILE C 156 22.86 4.50 -24.41
N ILE C 157 23.33 3.26 -24.32
CA ILE C 157 22.46 2.12 -24.04
C ILE C 157 22.81 1.52 -22.69
N LEU C 158 21.81 1.47 -21.80
CA LEU C 158 22.03 1.01 -20.44
C LEU C 158 21.17 -0.19 -20.07
N GLN C 159 21.69 -1.03 -19.18
CA GLN C 159 20.89 -2.09 -18.57
C GLN C 159 19.88 -1.42 -17.64
N SER C 160 18.60 -1.67 -17.89
CA SER C 160 17.53 -0.96 -17.19
C SER C 160 17.49 -1.24 -15.68
N GLU C 161 17.83 -2.48 -15.31
CA GLU C 161 17.74 -2.90 -13.91
C GLU C 161 18.58 -2.04 -12.96
N GLY C 162 19.78 -1.67 -13.40
CA GLY C 162 20.68 -0.89 -12.57
C GLY C 162 20.34 0.58 -12.50
N LEU C 163 19.29 0.98 -13.22
CA LEU C 163 18.89 2.38 -13.29
C LEU C 163 17.45 2.57 -12.81
N ARG C 164 16.71 1.46 -12.78
CA ARG C 164 15.27 1.47 -12.45
C ARG C 164 14.92 2.25 -11.18
N GLU C 165 15.63 1.97 -10.11
CA GLU C 165 15.29 2.51 -8.81
C GLU C 165 15.97 3.85 -8.54
N ALA C 166 17.14 4.05 -9.14
CA ALA C 166 17.85 5.31 -9.00
C ALA C 166 17.09 6.44 -9.70
N PHE C 167 16.38 6.09 -10.75
CA PHE C 167 15.57 7.01 -11.52
C PHE C 167 14.24 7.25 -10.81
N SER C 168 13.72 6.24 -10.15
CA SER C 168 12.44 6.37 -9.48
C SER C 168 12.54 7.36 -8.34
N GLU C 169 13.76 7.68 -7.95
CA GLU C 169 13.94 8.50 -6.78
C GLU C 169 14.32 9.94 -7.05
N LEU C 170 14.52 10.32 -8.30
CA LEU C 170 14.96 11.69 -8.53
C LEU C 170 13.97 12.70 -7.97
N ASP C 171 14.54 13.72 -7.33
CA ASP C 171 13.79 14.75 -6.64
C ASP C 171 12.73 15.40 -7.52
N MET C 172 11.46 15.13 -7.21
CA MET C 172 10.35 15.65 -7.99
C MET C 172 10.01 17.09 -7.62
N THR C 173 10.64 17.61 -6.58
CA THR C 173 10.45 19.01 -6.19
C THR C 173 11.26 19.91 -7.12
N SER C 174 12.21 19.31 -7.84
CA SER C 174 12.99 20.03 -8.83
C SER C 174 12.13 20.31 -10.05
N GLU C 175 12.44 21.39 -10.76
CA GLU C 175 11.65 21.76 -11.93
C GLU C 175 12.15 21.05 -13.19
N VAL C 176 13.46 20.87 -13.28
CA VAL C 176 14.05 20.24 -14.45
C VAL C 176 14.88 19.01 -14.12
N LEU C 177 15.03 18.13 -15.09
CA LEU C 177 16.01 17.07 -15.04
C LEU C 177 17.11 17.37 -16.04
N GLN C 178 18.31 17.64 -15.55
CA GLN C 178 19.42 18.00 -16.42
C GLN C 178 20.24 16.77 -16.81
N ILE C 179 20.26 16.48 -18.11
CA ILE C 179 21.00 15.33 -18.62
C ILE C 179 22.31 15.78 -19.26
N THR C 180 23.42 15.28 -18.74
CA THR C 180 24.73 15.55 -19.32
C THR C 180 25.34 14.28 -19.88
N MET C 181 25.74 14.34 -21.14
CA MET C 181 26.44 13.24 -21.77
C MET C 181 27.72 13.77 -22.40
N SER C 182 28.83 13.09 -22.16
CA SER C 182 30.13 13.63 -22.54
C SER C 182 31.18 12.54 -22.75
N PRO C 183 32.11 12.77 -23.68
CA PRO C 183 33.27 11.88 -23.87
C PRO C 183 34.20 11.92 -22.66
N ASP C 184 34.08 12.98 -21.86
CA ASP C 184 34.88 13.15 -20.65
C ASP C 184 34.03 12.99 -19.41
N LYS C 185 34.68 12.96 -18.25
CA LYS C 185 33.96 12.88 -16.97
C LYS C 185 32.94 14.01 -16.86
N PRO C 186 31.77 13.72 -16.25
CA PRO C 186 31.39 12.45 -15.64
C PRO C 186 30.72 11.47 -16.59
N TYR C 187 30.96 11.63 -17.90
CA TYR C 187 30.46 10.73 -18.94
C TYR C 187 28.93 10.77 -19.08
N PHE C 188 28.22 10.33 -18.05
CA PHE C 188 26.76 10.38 -18.07
C PHE C 188 26.21 10.81 -16.71
N ARG C 189 25.58 11.98 -16.67
CA ARG C 189 25.08 12.55 -15.43
C ARG C 189 23.62 12.98 -15.51
N LEU C 190 22.84 12.58 -14.49
CA LEU C 190 21.48 13.06 -14.32
C LEU C 190 21.44 13.97 -13.10
N SER C 191 21.01 15.22 -13.29
CA SER C 191 21.01 16.20 -12.20
C SER C 191 19.63 16.77 -11.93
N THR C 192 19.34 17.00 -10.66
CA THR C 192 18.12 17.69 -10.25
C THR C 192 18.45 18.84 -9.31
N PHE C 193 17.60 19.85 -9.29
CA PHE C 193 17.83 21.03 -8.47
C PHE C 193 16.56 21.42 -7.72
N GLY C 194 16.34 20.78 -6.57
CA GLY C 194 15.13 21.03 -5.80
C GLY C 194 15.34 21.93 -4.61
N ASN C 195 14.39 21.90 -3.69
CA ASN C 195 14.43 22.74 -2.49
C ASN C 195 15.63 22.43 -1.60
N ALA C 196 15.87 21.15 -1.37
CA ALA C 196 16.96 20.69 -0.50
C ALA C 196 18.32 21.10 -1.05
N GLY C 197 18.43 21.15 -2.37
CA GLY C 197 19.68 21.54 -3.01
C GLY C 197 19.94 20.80 -4.30
N SER C 198 21.22 20.52 -4.56
CA SER C 198 21.63 19.86 -5.79
C SER C 198 21.79 18.35 -5.61
N SER C 199 21.57 17.60 -6.68
CA SER C 199 21.71 16.15 -6.65
C SER C 199 22.17 15.62 -7.99
N HIS C 200 23.29 14.89 -8.00
CA HIS C 200 23.87 14.36 -9.23
C HIS C 200 23.94 12.84 -9.22
N LEU C 201 23.52 12.23 -10.33
CA LEU C 201 23.62 10.79 -10.51
C LEU C 201 24.54 10.48 -11.68
N ASP C 202 25.69 9.89 -11.40
CA ASP C 202 26.73 9.70 -12.41
C ASP C 202 26.97 8.24 -12.79
N TYR C 203 27.04 7.99 -14.09
CA TYR C 203 27.36 6.67 -14.60
C TYR C 203 28.64 6.72 -15.44
N PRO C 204 29.68 6.02 -15.00
CA PRO C 204 30.93 5.99 -15.76
C PRO C 204 30.78 5.17 -17.04
N LYS C 205 31.51 5.53 -18.09
CA LYS C 205 31.36 4.86 -19.38
C LYS C 205 31.90 3.44 -19.35
N ASP C 206 32.73 3.13 -18.36
CA ASP C 206 33.31 1.80 -18.24
C ASP C 206 32.41 0.86 -17.42
N SER C 207 31.29 1.40 -16.94
CA SER C 207 30.40 0.64 -16.06
C SER C 207 29.81 -0.58 -16.75
N ASP C 208 29.53 -1.61 -15.94
CA ASP C 208 28.91 -2.83 -16.45
C ASP C 208 27.47 -2.57 -16.87
N LEU C 209 26.90 -1.48 -16.36
CA LEU C 209 25.55 -1.08 -16.74
C LEU C 209 25.56 -0.42 -18.11
N MET C 210 26.75 0.03 -18.52
CA MET C 210 26.91 0.72 -19.80
C MET C 210 27.19 -0.27 -20.93
N GLU C 211 26.16 -0.60 -21.70
CA GLU C 211 26.31 -1.56 -22.78
C GLU C 211 26.81 -0.91 -24.07
N ALA C 212 26.46 0.37 -24.25
CA ALA C 212 26.92 1.12 -25.41
C ALA C 212 27.12 2.58 -25.06
N PHE C 213 28.28 3.12 -25.43
CA PHE C 213 28.60 4.51 -25.12
C PHE C 213 29.12 5.22 -26.38
N HIS C 214 28.29 6.09 -26.93
CA HIS C 214 28.65 6.80 -28.15
C HIS C 214 28.40 8.29 -28.01
N CYS C 215 29.26 8.95 -27.23
CA CYS C 215 29.17 10.39 -27.03
C CYS C 215 30.36 11.10 -27.64
N ASN C 216 30.16 11.68 -28.81
CA ASN C 216 31.23 12.39 -29.52
C ASN C 216 31.44 13.79 -29.00
N GLN C 217 30.39 14.37 -28.43
CA GLN C 217 30.41 15.78 -28.03
C GLN C 217 29.71 15.98 -26.69
N THR C 218 30.29 16.84 -25.86
CA THR C 218 29.67 17.19 -24.58
C THR C 218 28.36 17.93 -24.81
N GLN C 219 27.28 17.38 -24.29
CA GLN C 219 25.95 17.99 -24.44
C GLN C 219 25.25 18.05 -23.08
N VAL C 220 24.65 19.21 -22.80
CA VAL C 220 23.90 19.39 -21.56
C VAL C 220 22.51 19.95 -21.86
N ASN C 221 21.50 19.14 -21.62
CA ASN C 221 20.11 19.55 -21.88
C ASN C 221 19.25 19.44 -20.63
N ARG C 222 18.25 20.31 -20.54
CA ARG C 222 17.33 20.32 -19.41
C ARG C 222 15.91 20.03 -19.88
N TYR C 223 15.19 19.23 -19.10
CA TYR C 223 13.82 18.86 -19.44
C TYR C 223 12.92 18.97 -18.23
N LYS C 224 11.67 19.38 -18.43
CA LYS C 224 10.69 19.43 -17.35
C LYS C 224 10.50 18.03 -16.78
N ILE C 225 10.78 17.88 -15.48
CA ILE C 225 10.79 16.56 -14.86
C ILE C 225 9.38 15.96 -14.78
N SER C 226 8.36 16.81 -14.78
CA SER C 226 6.99 16.35 -14.74
C SER C 226 6.63 15.61 -16.02
N LEU C 227 7.25 16.02 -17.12
CA LEU C 227 6.99 15.41 -18.42
C LEU C 227 7.72 14.07 -18.55
N LEU C 228 8.88 13.95 -17.90
CA LEU C 228 9.72 12.77 -18.04
C LEU C 228 9.45 11.71 -16.98
N LYS C 229 8.81 12.11 -15.89
CA LYS C 229 8.51 11.19 -14.79
C LYS C 229 7.74 9.92 -15.19
N PRO C 230 6.71 10.04 -16.04
CA PRO C 230 5.98 8.80 -16.39
C PRO C 230 6.80 7.76 -17.15
N SER C 231 7.97 8.12 -17.66
CA SER C 231 8.80 7.18 -18.41
C SER C 231 9.37 6.10 -17.49
N THR C 232 9.28 6.35 -16.17
CA THR C 232 9.69 5.36 -15.17
C THR C 232 8.95 4.05 -15.38
N LYS C 233 7.66 4.15 -15.70
CA LYS C 233 6.82 3.00 -15.95
C LYS C 233 7.40 2.14 -17.07
N ALA C 234 7.92 2.78 -18.10
CA ALA C 234 8.56 2.08 -19.20
C ALA C 234 9.88 1.46 -18.75
N LEU C 235 10.64 2.23 -17.98
CA LEU C 235 11.94 1.78 -17.48
C LEU C 235 11.82 0.50 -16.66
N VAL C 236 10.80 0.44 -15.81
CA VAL C 236 10.58 -0.71 -14.95
C VAL C 236 10.29 -1.97 -15.77
N LEU C 237 9.55 -1.82 -16.86
CA LEU C 237 9.21 -2.96 -17.71
C LEU C 237 10.36 -3.34 -18.63
N SER C 238 11.25 -2.39 -18.91
CA SER C 238 12.32 -2.61 -19.88
C SER C 238 13.49 -3.40 -19.31
N CYS C 239 14.23 -4.06 -20.19
CA CYS C 239 15.47 -4.73 -19.80
C CYS C 239 16.67 -3.91 -20.28
N LYS C 240 16.44 -3.11 -21.32
CA LYS C 240 17.45 -2.19 -21.82
C LYS C 240 16.81 -0.84 -22.13
N VAL C 241 17.60 0.23 -22.04
CA VAL C 241 17.10 1.56 -22.35
C VAL C 241 18.13 2.34 -23.17
N SER C 242 17.66 2.98 -24.24
CA SER C 242 18.53 3.78 -25.09
C SER C 242 18.23 5.26 -24.93
N ILE C 243 19.27 6.05 -24.67
CA ILE C 243 19.11 7.48 -24.44
C ILE C 243 19.85 8.30 -25.49
N ARG C 244 19.10 9.13 -26.22
CA ARG C 244 19.68 9.90 -27.32
C ARG C 244 19.25 11.37 -27.29
N THR C 245 20.18 12.24 -27.67
CA THR C 245 19.88 13.66 -27.88
C THR C 245 20.37 14.07 -29.26
N ASP C 246 19.65 14.99 -29.90
CA ASP C 246 20.04 15.43 -31.24
C ASP C 246 20.55 16.87 -31.23
N ASN C 247 20.76 17.42 -32.42
CA ASN C 247 21.32 18.76 -32.55
C ASN C 247 20.36 19.86 -32.12
N ARG C 248 19.09 19.50 -31.92
CA ARG C 248 18.11 20.44 -31.41
C ARG C 248 18.04 20.39 -29.88
N GLY C 249 18.55 19.29 -29.32
CA GLY C 249 18.51 19.08 -27.89
C GLY C 249 17.34 18.21 -27.48
N PHE C 250 16.62 17.70 -28.48
CA PHE C 250 15.47 16.83 -28.23
C PHE C 250 15.92 15.49 -27.65
N LEU C 251 15.15 14.97 -26.70
CA LEU C 251 15.48 13.72 -26.05
C LEU C 251 14.68 12.55 -26.61
N SER C 252 15.35 11.42 -26.81
CA SER C 252 14.68 10.19 -27.19
C SER C 252 15.01 9.07 -26.21
N LEU C 253 13.99 8.51 -25.60
CA LEU C 253 14.14 7.38 -24.71
C LEU C 253 13.46 6.16 -25.30
N GLN C 254 14.25 5.15 -25.66
CA GLN C 254 13.69 3.91 -26.21
C GLN C 254 13.85 2.77 -25.23
N TYR C 255 12.77 2.04 -25.01
CA TYR C 255 12.76 0.97 -24.02
C TYR C 255 12.51 -0.39 -24.67
N MET C 256 13.47 -1.29 -24.51
CA MET C 256 13.33 -2.66 -24.98
C MET C 256 12.58 -3.48 -23.94
N ILE C 257 11.36 -3.89 -24.29
CA ILE C 257 10.52 -4.63 -23.35
C ILE C 257 10.26 -6.06 -23.82
N ARG C 258 10.59 -7.00 -22.95
CA ARG C 258 10.33 -8.41 -23.20
C ARG C 258 9.05 -8.84 -22.51
N ASN C 259 8.03 -9.22 -23.28
CA ASN C 259 6.76 -9.63 -22.69
C ASN C 259 6.84 -11.04 -22.12
N GLU C 260 5.68 -11.60 -21.79
CA GLU C 260 5.61 -12.88 -21.11
C GLU C 260 5.90 -14.05 -22.05
N ASP C 261 5.93 -13.78 -23.35
CA ASP C 261 6.25 -14.81 -24.34
C ASP C 261 7.67 -14.65 -24.88
N GLY C 262 8.47 -13.86 -24.19
CA GLY C 262 9.86 -13.66 -24.57
C GLY C 262 10.04 -12.77 -25.79
N GLN C 263 8.93 -12.29 -26.33
CA GLN C 263 8.96 -11.43 -27.51
C GLN C 263 9.36 -10.01 -27.15
N ILE C 264 10.02 -9.33 -28.08
CA ILE C 264 10.51 -7.98 -27.82
C ILE C 264 9.66 -6.91 -28.50
N CYS C 265 9.07 -6.03 -27.70
CA CYS C 265 8.35 -4.87 -28.22
C CYS C 265 8.98 -3.60 -27.66
N PHE C 266 8.56 -2.45 -28.16
CA PHE C 266 9.22 -1.20 -27.81
C PHE C 266 8.29 -0.08 -27.36
N VAL C 267 8.76 0.70 -26.40
CA VAL C 267 8.11 1.93 -25.99
C VAL C 267 9.10 3.08 -26.21
N GLU C 268 8.62 4.21 -26.71
CA GLU C 268 9.49 5.33 -26.97
C GLU C 268 8.97 6.62 -26.35
N TYR C 269 9.89 7.40 -25.78
CA TYR C 269 9.55 8.71 -25.24
C TYR C 269 10.34 9.82 -25.94
N TYR C 270 9.63 10.78 -26.50
CA TYR C 270 10.27 12.00 -27.00
C TYR C 270 9.97 13.14 -26.04
N CYS C 271 10.93 14.04 -25.85
CA CYS C 271 10.70 15.21 -25.00
C CYS C 271 11.51 16.39 -25.50
N CYS C 272 10.86 17.54 -25.63
CA CYS C 272 11.51 18.76 -26.10
C CYS C 272 12.32 19.39 -24.97
N PRO C 273 13.38 20.13 -25.32
CA PRO C 273 14.20 20.82 -24.32
C PRO C 273 13.42 21.91 -23.59
N ASP C 274 13.96 22.39 -22.47
CA ASP C 274 13.31 23.44 -21.70
C ASP C 274 14.04 24.78 -21.87
N THR D 1 1.69 7.61 -38.86
CA THR D 1 2.91 7.69 -38.08
C THR D 1 3.77 6.46 -38.23
N ASP D 2 5.06 6.72 -38.28
CA ASP D 2 6.07 5.72 -38.59
C ASP D 2 6.19 4.66 -37.51
N TRP D 3 6.52 3.44 -37.91
CA TRP D 3 6.78 2.37 -36.96
C TRP D 3 8.06 2.68 -36.19
N VAL D 4 8.32 1.91 -35.14
CA VAL D 4 9.49 2.13 -34.30
C VAL D 4 10.78 1.89 -35.10
N ASP D 5 11.76 2.77 -34.91
CA ASP D 5 13.08 2.55 -35.44
C ASP D 5 14.05 2.32 -34.29
N PRO D 6 14.22 1.05 -33.88
CA PRO D 6 15.06 0.67 -32.74
C PRO D 6 16.50 1.13 -32.88
N SER D 7 17.03 1.74 -31.83
CA SER D 7 18.41 2.23 -31.85
C SER D 7 19.33 1.25 -31.12
N PHE D 8 18.76 0.15 -30.65
CA PHE D 8 19.55 -0.85 -29.93
C PHE D 8 20.47 -1.59 -30.89
N ASP D 9 21.57 -2.12 -30.36
CA ASP D 9 22.59 -2.75 -31.20
C ASP D 9 22.21 -4.17 -31.61
N ASP D 10 21.02 -4.26 -32.16
CA ASP D 10 20.48 -5.49 -32.68
C ASP D 10 20.75 -5.54 -34.17
#